data_8VCY
#
_entry.id   8VCY
#
_cell.length_a   67.803
_cell.length_b   106.695
_cell.length_c   132.962
_cell.angle_alpha   90.000
_cell.angle_beta   90.000
_cell.angle_gamma   90.000
#
_symmetry.space_group_name_H-M   'P 21 21 21'
#
loop_
_entity.id
_entity.type
_entity.pdbx_description
1 polymer 'MHC class II HLA-DQ-alpha chain'
2 polymer 'MHC class II HLA-DQ-beta-1'
3 polymer 'Hybrid insulin peptide (HIP; InsC8-15-NPY68-74)'
4 polymer 'T-CELL-RECEPTOR, TCR A2.13 alpha'
5 polymer 'T-CELL-RECEPTOR, TCR A2.13 beta'
6 non-polymer 2-acetamido-2-deoxy-beta-D-glucopyranose
7 non-polymer GLYCEROL
8 non-polymer 'PHOSPHATE ION'
9 water water
#
loop_
_entity_poly.entity_id
_entity_poly.type
_entity_poly.pdbx_seq_one_letter_code
_entity_poly.pdbx_strand_id
1 'polypeptide(L)'
;EDIVADHVASYGVNLYQSYGPSGQYSHEFDGDEEFYVDLERKETVWQLPLFRRFRRFDPQFALTNIAVLKHNLNCVIKRS
NSTAATNEVPEVTVFSKSPVTLGQPNTLICLVDNIFPPVVNITWLSNGHSVTEGVSETSFLSKSDHSFFKISYLTFLPSA
DEIYDCKVEHWGLDEPLLKHWEPES
;
A
2 'polypeptide(L)'
;RDSPEDFVYQFKGMCYFTNGTERVRLVTRYIYNREEYARFDSDVGVYRAVTPLGPPAAEYWNSQKEVLERTRAELDTVCR
HNYQLELRTTLQRRVEPTVTISPSRTEALNHHNLLVCSVTDFYPAQIKVRWFRNDQEETTGVVSTPLIRNGDWTFQILVM
LEMTPQRGDVYTCHVEHPSLQNPIIVEWRAQS
;
B
3 'polypeptide(L)' GQVELGGGSSPETCI C
4 'polypeptide(L)'
;MKTTQPPSMDCAEGRAANLPCNHSTISGNEYVYWYRQIHSQGPQYIIHGLKNNETNEMASLIITEDRKSSTLILPHATLR
DTAVYYCIVSHNAGNMLTFGGGTRLMVKPHIQNPDPAVYQLRDSKSSDKSVCLFTDFDSQTNVSQSKDSDVYITDKCVLD
MRSMDFKSNSAVAWSNKSDFACANAFNNSIIPEDTFFPSPESS
;
D
5 'polypeptide(L)'
;GVTQTPRYLIKTRGQQVTLSCSPISGHRSVSWYQQTPGQGLQFLFEYFSETQRNKGNFPGRFSGRQFSNSRSEMNVSTLE
LGDSALYLCASSLERETQYFGPGTRLLVLEDLKNVFPPEVAVFEPSEAEISHTQKATLVCLATGFFPDHVELSWWVNGKE
VHSGVCTDPQPLKEQPALNDSRYALSSRLRVSATFWQNPRNHFRCQVQFYGLSENDEWTQDRAKPVTQIVSAEAWGRAD
;
E
#
loop_
_chem_comp.id
_chem_comp.type
_chem_comp.name
_chem_comp.formula
GOL non-polymer GLYCEROL 'C3 H8 O3'
NAG D-saccharide, beta linking 2-acetamido-2-deoxy-beta-D-glucopyranose 'C8 H15 N O6'
PO4 non-polymer 'PHOSPHATE ION' 'O4 P -3'
#
# COMPACT_ATOMS: atom_id res chain seq x y z
N ASP A 2 4.26 -34.42 6.90
CA ASP A 2 4.50 -33.13 7.55
C ASP A 2 5.81 -32.51 7.09
N ILE A 3 6.11 -31.31 7.58
CA ILE A 3 7.31 -30.57 7.22
C ILE A 3 8.23 -30.52 8.43
N VAL A 4 9.47 -30.97 8.25
CA VAL A 4 10.47 -30.96 9.31
C VAL A 4 11.19 -29.61 9.27
N ALA A 5 11.32 -28.98 10.44
CA ALA A 5 11.99 -27.70 10.54
C ALA A 5 12.43 -27.47 11.98
N ASP A 6 13.50 -26.70 12.14
CA ASP A 6 13.99 -26.38 13.48
C ASP A 6 13.07 -25.37 14.17
N HIS A 7 12.53 -24.42 13.41
CA HIS A 7 11.65 -23.40 13.95
C HIS A 7 10.53 -23.14 12.96
N VAL A 8 9.30 -23.05 13.48
CA VAL A 8 8.12 -22.79 12.68
C VAL A 8 7.50 -21.48 13.17
N ALA A 9 7.32 -20.54 12.26
CA ALA A 9 6.72 -19.25 12.56
C ALA A 9 5.47 -19.06 11.72
N SER A 10 4.40 -18.59 12.35
CA SER A 10 3.17 -18.25 11.64
C SER A 10 3.11 -16.73 11.53
N TYR A 11 3.81 -16.20 10.54
CA TYR A 11 3.82 -14.77 10.27
C TYR A 11 2.53 -14.41 9.53
N GLY A 12 1.43 -14.51 10.27
CA GLY A 12 0.11 -14.30 9.74
C GLY A 12 -0.84 -15.41 10.12
N VAL A 13 -1.34 -15.39 11.35
CA VAL A 13 -2.48 -16.20 11.74
C VAL A 13 -3.71 -15.31 11.54
N ASN A 14 -4.38 -15.48 10.41
CA ASN A 14 -5.52 -14.66 10.04
C ASN A 14 -6.80 -15.45 10.27
N LEU A 15 -7.79 -14.80 10.90
CA LEU A 15 -9.05 -15.45 11.24
C LEU A 15 -10.19 -14.48 11.01
N TYR A 16 -11.29 -14.98 10.43
CA TYR A 16 -12.51 -14.20 10.30
C TYR A 16 -13.69 -15.15 10.23
N GLN A 17 -14.68 -14.90 11.07
CA GLN A 17 -15.87 -15.75 11.14
C GLN A 17 -17.12 -14.88 11.10
N SER A 18 -18.24 -15.53 10.76
CA SER A 18 -19.50 -14.82 10.59
C SER A 18 -20.21 -14.54 11.91
N TYR A 19 -19.96 -15.33 12.95
CA TYR A 19 -20.57 -15.08 14.25
C TYR A 19 -19.92 -13.86 14.88
N GLY A 20 -20.67 -12.78 15.00
CA GLY A 20 -20.15 -11.53 15.51
C GLY A 20 -20.56 -10.37 14.63
N PRO A 21 -19.96 -10.25 13.43
CA PRO A 21 -18.83 -11.07 12.95
C PRO A 21 -17.55 -10.72 13.71
N SER A 22 -16.57 -11.62 13.69
CA SER A 22 -15.38 -11.46 14.49
C SER A 22 -14.16 -11.91 13.70
N GLY A 23 -13.03 -11.25 13.98
CA GLY A 23 -11.77 -11.61 13.36
C GLY A 23 -10.64 -11.58 14.38
N GLN A 24 -9.46 -11.97 13.92
CA GLN A 24 -8.27 -11.97 14.76
C GLN A 24 -7.03 -12.05 13.88
N TYR A 25 -6.03 -11.24 14.21
CA TYR A 25 -4.73 -11.29 13.56
C TYR A 25 -3.65 -11.41 14.61
N SER A 26 -2.67 -12.28 14.36
CA SER A 26 -1.60 -12.52 15.31
C SER A 26 -0.44 -13.18 14.59
N HIS A 27 0.76 -12.98 15.15
CA HIS A 27 1.96 -13.67 14.70
C HIS A 27 2.44 -14.62 15.78
N GLU A 28 2.91 -15.79 15.36
CA GLU A 28 3.36 -16.83 16.27
C GLU A 28 4.76 -17.27 15.89
N PHE A 29 5.49 -17.79 16.88
CA PHE A 29 6.81 -18.36 16.66
C PHE A 29 6.97 -19.53 17.60
N ASP A 30 7.15 -20.73 17.05
CA ASP A 30 7.31 -21.96 17.82
C ASP A 30 6.15 -22.15 18.81
N GLY A 31 4.94 -21.86 18.35
CA GLY A 31 3.74 -22.12 19.14
C GLY A 31 3.35 -21.04 20.12
N ASP A 32 4.16 -20.00 20.28
CA ASP A 32 3.87 -18.91 21.21
C ASP A 32 3.49 -17.65 20.45
N GLU A 33 2.63 -16.84 21.06
CA GLU A 33 2.08 -15.66 20.41
C GLU A 33 3.01 -14.47 20.64
N GLU A 34 3.48 -13.87 19.55
CA GLU A 34 4.32 -12.68 19.66
C GLU A 34 3.49 -11.43 19.90
N PHE A 35 2.42 -11.25 19.10
CA PHE A 35 1.54 -10.11 19.28
C PHE A 35 0.17 -10.46 18.71
N TYR A 36 -0.79 -9.60 19.00
CA TYR A 36 -2.07 -9.59 18.31
C TYR A 36 -2.44 -8.14 18.02
N VAL A 37 -3.26 -7.94 16.99
CA VAL A 37 -3.69 -6.61 16.59
C VAL A 37 -5.14 -6.44 17.02
N ASP A 38 -5.39 -5.44 17.86
CA ASP A 38 -6.74 -5.06 18.24
C ASP A 38 -7.42 -4.43 17.04
N LEU A 39 -8.31 -5.18 16.38
CA LEU A 39 -8.93 -4.71 15.16
C LEU A 39 -9.88 -3.55 15.40
N GLU A 40 -10.37 -3.37 16.64
CA GLU A 40 -11.24 -2.25 16.95
C GLU A 40 -10.45 -1.00 17.35
N ARG A 41 -9.32 -1.18 18.03
CA ARG A 41 -8.50 -0.06 18.46
C ARG A 41 -7.37 0.27 17.49
N LYS A 42 -7.10 -0.58 16.52
CA LYS A 42 -6.00 -0.41 15.57
C LYS A 42 -4.68 -0.20 16.32
N GLU A 43 -4.28 -1.26 17.03
CA GLU A 43 -3.13 -1.19 17.93
C GLU A 43 -2.48 -2.56 18.02
N THR A 44 -1.16 -2.59 17.89
CA THR A 44 -0.39 -3.82 18.02
C THR A 44 -0.02 -4.03 19.48
N VAL A 45 -0.37 -5.21 20.01
CA VAL A 45 -0.17 -5.52 21.42
C VAL A 45 0.81 -6.70 21.49
N TRP A 46 2.09 -6.39 21.71
CA TRP A 46 3.10 -7.43 21.87
C TRP A 46 2.94 -8.12 23.22
N GLN A 47 3.46 -9.35 23.30
CA GLN A 47 3.24 -10.21 24.46
C GLN A 47 4.45 -10.30 25.38
N LEU A 48 5.57 -9.68 25.03
CA LEU A 48 6.76 -9.68 25.88
C LEU A 48 7.40 -8.30 25.87
N PRO A 49 7.97 -7.87 27.01
CA PRO A 49 8.67 -6.58 27.01
C PRO A 49 9.81 -6.51 26.02
N LEU A 50 10.50 -7.63 25.78
CA LEU A 50 11.59 -7.63 24.80
C LEU A 50 11.07 -7.34 23.39
N PHE A 51 9.83 -7.73 23.10
CA PHE A 51 9.26 -7.44 21.79
C PHE A 51 8.88 -5.98 21.65
N ARG A 52 8.30 -5.39 22.71
CA ARG A 52 7.88 -4.00 22.66
C ARG A 52 9.05 -3.04 22.54
N ARG A 53 10.26 -3.48 22.89
CA ARG A 53 11.44 -2.62 22.85
C ARG A 53 12.07 -2.52 21.47
N PHE A 54 12.17 -3.64 20.74
CA PHE A 54 12.91 -3.68 19.49
C PHE A 54 12.08 -3.99 18.26
N ARG A 55 10.84 -4.45 18.41
CA ARG A 55 10.04 -4.90 17.28
C ARG A 55 8.91 -3.92 16.99
N ARG A 56 8.54 -3.84 15.71
CA ARG A 56 7.51 -2.93 15.25
C ARG A 56 6.63 -3.64 14.23
N PHE A 57 5.32 -3.40 14.32
CA PHE A 57 4.37 -3.96 13.36
C PHE A 57 3.22 -2.98 13.18
N ASP A 58 2.95 -2.62 11.93
CA ASP A 58 1.90 -1.65 11.62
C ASP A 58 0.54 -2.31 11.73
N PRO A 59 -0.35 -1.83 12.62
CA PRO A 59 -1.69 -2.45 12.73
C PRO A 59 -2.51 -2.37 11.46
N GLN A 60 -2.18 -1.45 10.54
CA GLN A 60 -2.93 -1.34 9.31
C GLN A 60 -2.82 -2.59 8.45
N PHE A 61 -1.69 -3.31 8.56
CA PHE A 61 -1.55 -4.55 7.79
C PHE A 61 -2.60 -5.57 8.17
N ALA A 62 -2.94 -5.65 9.45
CA ALA A 62 -3.96 -6.61 9.90
C ALA A 62 -5.33 -6.21 9.39
N LEU A 63 -5.67 -4.91 9.48
CA LEU A 63 -6.96 -4.46 8.98
C LEU A 63 -7.10 -4.70 7.49
N THR A 64 -6.00 -4.60 6.74
CA THR A 64 -6.05 -4.85 5.30
C THR A 64 -6.26 -6.33 5.01
N ASN A 65 -5.55 -7.20 5.72
CA ASN A 65 -5.69 -8.64 5.47
C ASN A 65 -7.06 -9.14 5.87
N ILE A 66 -7.53 -8.75 7.06
CA ILE A 66 -8.83 -9.24 7.55
C ILE A 66 -9.95 -8.81 6.61
N ALA A 67 -9.85 -7.63 6.00
CA ALA A 67 -10.85 -7.22 5.03
C ALA A 67 -10.85 -8.13 3.82
N VAL A 68 -9.70 -8.71 3.47
CA VAL A 68 -9.66 -9.68 2.37
C VAL A 68 -10.31 -10.98 2.79
N LEU A 69 -10.05 -11.44 4.02
CA LEU A 69 -10.67 -12.68 4.51
C LEU A 69 -12.19 -12.55 4.54
N LYS A 70 -12.71 -11.37 4.88
CA LYS A 70 -14.15 -11.15 4.83
C LYS A 70 -14.67 -11.33 3.41
N HIS A 71 -13.94 -10.82 2.42
CA HIS A 71 -14.33 -11.01 1.03
C HIS A 71 -14.19 -12.46 0.60
N ASN A 72 -13.12 -13.13 1.06
CA ASN A 72 -12.91 -14.52 0.67
C ASN A 72 -13.95 -15.44 1.31
N LEU A 73 -14.35 -15.14 2.55
CA LEU A 73 -15.33 -15.98 3.22
C LEU A 73 -16.66 -16.00 2.47
N ASN A 74 -17.13 -14.82 2.05
CA ASN A 74 -18.38 -14.77 1.30
C ASN A 74 -18.29 -15.53 -0.02
N CYS A 75 -17.10 -15.56 -0.63
CA CYS A 75 -16.94 -16.27 -1.89
C CYS A 75 -16.98 -17.78 -1.69
N VAL A 76 -16.28 -18.29 -0.67
CA VAL A 76 -16.24 -19.72 -0.44
C VAL A 76 -17.55 -20.24 0.18
N ILE A 77 -18.30 -19.39 0.88
CA ILE A 77 -19.62 -19.79 1.37
C ILE A 77 -20.52 -20.16 0.20
N LYS A 78 -20.57 -19.29 -0.82
CA LYS A 78 -21.39 -19.59 -1.99
C LYS A 78 -20.86 -20.80 -2.75
N ARG A 79 -19.53 -20.92 -2.85
CA ARG A 79 -18.96 -22.01 -3.63
C ARG A 79 -19.20 -23.36 -2.97
N SER A 80 -19.31 -23.41 -1.65
CA SER A 80 -19.53 -24.64 -0.92
C SER A 80 -21.01 -24.92 -0.64
N ASN A 81 -21.91 -24.16 -1.27
CA ASN A 81 -23.35 -24.29 -1.03
C ASN A 81 -23.68 -24.12 0.45
N SER A 82 -23.08 -23.10 1.08
CA SER A 82 -23.33 -22.75 2.48
C SER A 82 -23.04 -23.92 3.41
N THR A 83 -21.84 -24.49 3.26
CA THR A 83 -21.38 -25.56 4.15
C THR A 83 -20.91 -24.93 5.46
N ALA A 84 -21.64 -25.17 6.54
CA ALA A 84 -21.34 -24.55 7.81
C ALA A 84 -20.20 -25.30 8.53
N ALA A 85 -19.65 -24.64 9.54
CA ALA A 85 -18.58 -25.23 10.32
C ALA A 85 -19.12 -26.32 11.25
N THR A 86 -18.28 -27.32 11.52
CA THR A 86 -18.64 -28.41 12.41
C THR A 86 -18.14 -28.10 13.81
N ASN A 87 -19.06 -28.14 14.78
CA ASN A 87 -18.69 -27.87 16.17
C ASN A 87 -17.94 -29.06 16.75
N GLU A 88 -16.73 -28.81 17.24
CA GLU A 88 -15.90 -29.84 17.84
C GLU A 88 -16.06 -29.83 19.36
N VAL A 89 -15.65 -30.92 19.99
CA VAL A 89 -15.74 -31.08 21.44
C VAL A 89 -14.43 -30.55 22.03
N PRO A 90 -14.46 -29.51 22.84
CA PRO A 90 -13.22 -28.98 23.42
C PRO A 90 -12.76 -29.80 24.63
N GLU A 91 -11.44 -29.83 24.82
CA GLU A 91 -10.82 -30.52 25.94
C GLU A 91 -10.23 -29.49 26.90
N VAL A 92 -10.59 -29.60 28.17
CA VAL A 92 -10.21 -28.63 29.19
C VAL A 92 -9.29 -29.28 30.21
N THR A 93 -8.27 -28.53 30.63
CA THR A 93 -7.31 -28.98 31.64
C THR A 93 -6.92 -27.80 32.50
N VAL A 94 -6.94 -27.99 33.82
CA VAL A 94 -6.63 -26.94 34.78
C VAL A 94 -5.40 -27.35 35.57
N PHE A 95 -4.46 -26.42 35.73
CA PHE A 95 -3.23 -26.67 36.48
C PHE A 95 -2.64 -25.33 36.88
N SER A 96 -1.63 -25.38 37.75
CA SER A 96 -0.98 -24.20 38.26
C SER A 96 0.37 -23.97 37.57
N LYS A 97 0.79 -22.71 37.53
CA LYS A 97 2.06 -22.38 36.86
C LYS A 97 3.26 -22.83 37.69
N SER A 98 3.10 -22.94 39.00
CA SER A 98 4.15 -23.38 39.89
C SER A 98 3.53 -24.23 40.99
N PRO A 99 4.32 -25.03 41.70
CA PRO A 99 3.77 -25.82 42.82
C PRO A 99 3.12 -24.91 43.85
N VAL A 100 1.85 -25.19 44.14
CA VAL A 100 1.06 -24.33 45.01
C VAL A 100 1.47 -24.55 46.46
N THR A 101 2.01 -23.51 47.08
CA THR A 101 2.36 -23.52 48.49
C THR A 101 1.39 -22.61 49.24
N LEU A 102 0.75 -23.15 50.27
CA LEU A 102 -0.24 -22.41 51.04
C LEU A 102 0.35 -21.14 51.63
N GLY A 103 -0.04 -20.00 51.07
CA GLY A 103 0.42 -18.70 51.55
C GLY A 103 1.23 -17.92 50.54
N GLN A 104 1.69 -18.57 49.47
CA GLN A 104 2.51 -17.91 48.46
C GLN A 104 1.72 -17.73 47.18
N PRO A 105 1.64 -16.52 46.64
CA PRO A 105 0.80 -16.28 45.47
C PRO A 105 1.24 -17.11 44.28
N ASN A 106 0.25 -17.55 43.50
CA ASN A 106 0.49 -18.45 42.38
C ASN A 106 -0.44 -18.02 41.25
N THR A 107 -0.67 -18.92 40.29
CA THR A 107 -1.51 -18.64 39.14
C THR A 107 -2.08 -19.94 38.61
N LEU A 108 -3.40 -20.00 38.47
CA LEU A 108 -4.06 -21.15 37.86
C LEU A 108 -4.16 -20.97 36.36
N ILE A 109 -3.98 -22.07 35.62
CA ILE A 109 -3.98 -22.07 34.17
C ILE A 109 -5.06 -23.03 33.69
N CYS A 110 -6.02 -22.50 32.94
CA CYS A 110 -7.11 -23.29 32.36
C CYS A 110 -6.89 -23.39 30.86
N LEU A 111 -6.48 -24.57 30.40
CA LEU A 111 -6.18 -24.81 28.99
C LEU A 111 -7.41 -25.41 28.32
N VAL A 112 -7.98 -24.69 27.36
CA VAL A 112 -9.11 -25.15 26.57
C VAL A 112 -8.58 -25.48 25.19
N ASP A 113 -8.47 -26.77 24.88
CA ASP A 113 -7.85 -27.23 23.65
C ASP A 113 -8.90 -27.75 22.68
N ASN A 114 -8.52 -27.82 21.41
CA ASN A 114 -9.38 -28.29 20.33
C ASN A 114 -10.67 -27.48 20.25
N ILE A 115 -10.51 -26.16 20.18
CA ILE A 115 -11.64 -25.24 20.08
C ILE A 115 -11.98 -25.04 18.60
N PHE A 116 -13.21 -25.38 18.22
CA PHE A 116 -13.72 -25.00 16.92
C PHE A 116 -15.24 -25.09 16.92
N PRO A 117 -15.95 -24.04 16.46
CA PRO A 117 -15.42 -22.76 15.98
C PRO A 117 -14.77 -21.92 17.08
N PRO A 118 -13.90 -20.97 16.70
CA PRO A 118 -13.23 -20.15 17.71
C PRO A 118 -14.17 -19.16 18.40
N VAL A 119 -15.14 -19.69 19.13
CA VAL A 119 -16.06 -18.90 19.94
C VAL A 119 -16.27 -19.65 21.26
N VAL A 120 -15.84 -19.06 22.37
CA VAL A 120 -15.85 -19.77 23.65
C VAL A 120 -15.90 -18.75 24.77
N ASN A 121 -16.53 -19.15 25.88
CA ASN A 121 -16.56 -18.37 27.12
C ASN A 121 -15.75 -19.11 28.17
N ILE A 122 -14.75 -18.45 28.73
CA ILE A 122 -13.89 -19.03 29.76
C ILE A 122 -13.94 -18.11 30.97
N THR A 123 -14.44 -18.63 32.09
CA THR A 123 -14.57 -17.86 33.32
C THR A 123 -14.22 -18.74 34.50
N TRP A 124 -13.86 -18.11 35.61
CA TRP A 124 -13.42 -18.79 36.81
C TRP A 124 -14.50 -18.72 37.90
N LEU A 125 -14.33 -19.56 38.91
CA LEU A 125 -15.23 -19.59 40.06
C LEU A 125 -14.39 -19.86 41.31
N SER A 126 -14.36 -18.88 42.22
CA SER A 126 -13.54 -19.01 43.43
C SER A 126 -14.07 -20.11 44.34
N ASN A 127 -15.35 -20.04 44.69
CA ASN A 127 -16.03 -21.12 45.37
C ASN A 127 -17.12 -21.62 44.44
N GLY A 128 -18.36 -21.16 44.59
CA GLY A 128 -19.39 -21.40 43.61
C GLY A 128 -19.81 -20.11 42.96
N HIS A 129 -18.98 -19.07 43.12
CA HIS A 129 -19.26 -17.73 42.63
C HIS A 129 -18.15 -17.27 41.69
N SER A 130 -18.52 -16.39 40.77
CA SER A 130 -17.60 -15.97 39.71
C SER A 130 -16.48 -15.10 40.26
N VAL A 131 -15.38 -15.06 39.52
CA VAL A 131 -14.21 -14.24 39.83
C VAL A 131 -14.05 -13.19 38.74
N THR A 132 -13.70 -11.98 39.14
CA THR A 132 -13.46 -10.88 38.19
C THR A 132 -12.03 -10.39 38.23
N GLU A 133 -11.46 -10.18 39.43
CA GLU A 133 -10.11 -9.65 39.55
C GLU A 133 -9.09 -10.74 39.34
N GLY A 134 -8.05 -10.43 38.57
CA GLY A 134 -6.96 -11.36 38.35
C GLY A 134 -7.19 -12.36 37.23
N VAL A 135 -8.17 -12.11 36.36
CA VAL A 135 -8.49 -13.01 35.27
C VAL A 135 -7.98 -12.41 33.96
N SER A 136 -7.22 -13.20 33.21
CA SER A 136 -6.73 -12.79 31.91
C SER A 136 -6.58 -14.02 31.03
N GLU A 137 -6.68 -13.82 29.72
CA GLU A 137 -6.61 -14.94 28.77
C GLU A 137 -5.78 -14.53 27.57
N THR A 138 -5.39 -15.52 26.79
CA THR A 138 -4.63 -15.32 25.57
C THR A 138 -5.58 -15.22 24.38
N SER A 139 -5.02 -14.98 23.20
CA SER A 139 -5.79 -15.02 21.97
C SER A 139 -5.97 -16.47 21.51
N PHE A 140 -6.83 -16.67 20.52
CA PHE A 140 -6.99 -17.99 19.93
C PHE A 140 -5.70 -18.39 19.23
N LEU A 141 -5.05 -19.43 19.75
CA LEU A 141 -3.78 -19.90 19.23
C LEU A 141 -4.01 -21.06 18.26
N SER A 142 -3.28 -21.06 17.15
CA SER A 142 -3.55 -21.97 16.06
C SER A 142 -3.00 -23.36 16.33
N LYS A 143 -3.55 -24.34 15.62
CA LYS A 143 -3.07 -25.71 15.63
C LYS A 143 -2.97 -26.21 14.20
N SER A 144 -2.13 -27.24 14.00
CA SER A 144 -1.86 -27.73 12.65
C SER A 144 -3.12 -28.26 11.98
N ASP A 145 -4.07 -28.78 12.76
CA ASP A 145 -5.34 -29.25 12.21
C ASP A 145 -6.34 -28.12 12.02
N HIS A 146 -5.89 -26.87 12.09
CA HIS A 146 -6.69 -25.67 11.87
C HIS A 146 -7.78 -25.47 12.92
N SER A 147 -7.65 -26.13 14.06
CA SER A 147 -8.46 -25.81 15.22
C SER A 147 -7.69 -24.81 16.08
N PHE A 148 -8.23 -24.49 17.26
CA PHE A 148 -7.60 -23.50 18.12
C PHE A 148 -7.59 -23.99 19.56
N PHE A 149 -6.72 -23.39 20.36
CA PHE A 149 -6.75 -23.56 21.80
C PHE A 149 -6.57 -22.21 22.46
N LYS A 150 -7.13 -22.08 23.66
CA LYS A 150 -7.12 -20.82 24.40
C LYS A 150 -6.75 -21.10 25.85
N ILE A 151 -5.99 -20.18 26.44
CA ILE A 151 -5.51 -20.33 27.81
C ILE A 151 -5.99 -19.13 28.62
N SER A 152 -6.58 -19.41 29.78
CA SER A 152 -7.02 -18.38 30.71
C SER A 152 -6.23 -18.51 32.02
N TYR A 153 -5.88 -17.37 32.59
CA TYR A 153 -5.09 -17.32 33.81
C TYR A 153 -5.90 -16.70 34.94
N LEU A 154 -5.60 -17.15 36.16
CA LEU A 154 -6.24 -16.62 37.36
C LEU A 154 -5.19 -16.54 38.46
N THR A 155 -4.79 -15.32 38.82
CA THR A 155 -3.92 -15.13 39.97
C THR A 155 -4.73 -15.32 41.26
N PHE A 156 -4.11 -15.93 42.26
CA PHE A 156 -4.83 -16.28 43.47
C PHE A 156 -3.84 -16.50 44.60
N LEU A 157 -4.36 -16.43 45.83
CA LEU A 157 -3.59 -16.75 47.02
C LEU A 157 -4.05 -18.11 47.53
N PRO A 158 -3.24 -19.16 47.41
CA PRO A 158 -3.67 -20.50 47.83
C PRO A 158 -4.07 -20.53 49.29
N SER A 159 -5.29 -21.00 49.55
CA SER A 159 -5.82 -21.17 50.89
C SER A 159 -6.45 -22.55 51.00
N ALA A 160 -6.71 -22.96 52.24
CA ALA A 160 -7.27 -24.29 52.50
C ALA A 160 -8.79 -24.34 52.32
N ASP A 161 -9.44 -23.21 52.05
CA ASP A 161 -10.89 -23.18 51.92
C ASP A 161 -11.38 -22.81 50.53
N GLU A 162 -10.49 -22.44 49.61
CA GLU A 162 -10.88 -22.02 48.26
C GLU A 162 -10.70 -23.20 47.30
N ILE A 163 -11.78 -23.60 46.65
CA ILE A 163 -11.76 -24.67 45.65
C ILE A 163 -12.25 -24.06 44.34
N TYR A 164 -11.37 -23.96 43.36
CA TYR A 164 -11.63 -23.20 42.15
C TYR A 164 -12.17 -24.09 41.04
N ASP A 165 -12.91 -23.47 40.11
CA ASP A 165 -13.46 -24.14 38.94
C ASP A 165 -13.25 -23.25 37.72
N CYS A 166 -13.11 -23.90 36.57
CA CYS A 166 -13.00 -23.21 35.28
C CYS A 166 -14.22 -23.60 34.46
N LYS A 167 -15.14 -22.64 34.27
CA LYS A 167 -16.36 -22.87 33.50
C LYS A 167 -16.12 -22.51 32.05
N VAL A 168 -16.31 -23.49 31.15
CA VAL A 168 -16.09 -23.31 29.73
C VAL A 168 -17.40 -23.56 29.00
N GLU A 169 -17.80 -22.60 28.17
CA GLU A 169 -19.02 -22.69 27.39
C GLU A 169 -18.67 -22.76 25.90
N HIS A 170 -19.17 -23.80 25.23
CA HIS A 170 -18.88 -23.99 23.82
C HIS A 170 -20.05 -24.71 23.16
N TRP A 171 -20.21 -24.45 21.87
CA TRP A 171 -21.32 -25.05 21.12
C TRP A 171 -21.15 -26.55 20.94
N GLY A 172 -19.94 -27.06 21.00
CA GLY A 172 -19.70 -28.50 20.95
C GLY A 172 -20.02 -29.24 22.23
N LEU A 173 -20.41 -28.52 23.27
CA LEU A 173 -20.79 -29.11 24.55
C LEU A 173 -22.28 -28.92 24.78
N ASP A 174 -22.84 -29.80 25.62
CA ASP A 174 -24.26 -29.72 25.97
C ASP A 174 -24.50 -28.84 27.19
N GLU A 175 -23.55 -28.78 28.11
CA GLU A 175 -23.64 -27.97 29.32
C GLU A 175 -22.28 -27.33 29.58
N PRO A 176 -22.25 -26.22 30.32
CA PRO A 176 -20.95 -25.61 30.65
C PRO A 176 -20.05 -26.59 31.41
N LEU A 177 -18.83 -26.74 30.91
CA LEU A 177 -17.88 -27.69 31.47
C LEU A 177 -17.14 -27.03 32.62
N LEU A 178 -17.26 -27.61 33.82
CA LEU A 178 -16.57 -27.12 35.01
C LEU A 178 -15.45 -28.10 35.34
N LYS A 179 -14.21 -27.64 35.18
CA LYS A 179 -13.03 -28.43 35.51
C LYS A 179 -12.50 -27.95 36.87
N HIS A 180 -12.37 -28.87 37.81
CA HIS A 180 -12.07 -28.52 39.19
C HIS A 180 -10.58 -28.57 39.47
N TRP A 181 -10.15 -27.76 40.44
CA TRP A 181 -8.77 -27.76 40.90
C TRP A 181 -8.71 -27.73 42.43
N ARG B 1 -27.32 -28.66 20.38
CA ARG B 1 -28.41 -28.05 21.14
C ARG B 1 -29.08 -26.93 20.35
N ASP B 2 -28.83 -25.69 20.76
CA ASP B 2 -29.34 -24.53 20.03
C ASP B 2 -28.18 -23.63 19.63
N SER B 3 -27.18 -24.21 18.96
CA SER B 3 -25.97 -23.47 18.60
C SER B 3 -26.19 -22.68 17.31
N PRO B 4 -25.76 -21.42 17.27
CA PRO B 4 -25.89 -20.64 16.03
C PRO B 4 -24.97 -21.18 14.95
N GLU B 5 -25.34 -20.86 13.70
CA GLU B 5 -24.54 -21.24 12.56
C GLU B 5 -23.32 -20.32 12.45
N ASP B 6 -22.21 -20.89 11.99
CA ASP B 6 -20.96 -20.14 11.89
C ASP B 6 -20.18 -20.59 10.67
N PHE B 7 -19.62 -19.62 9.95
CA PHE B 7 -18.74 -19.86 8.81
C PHE B 7 -17.38 -19.24 9.13
N VAL B 8 -16.33 -20.04 9.07
CA VAL B 8 -15.00 -19.65 9.49
C VAL B 8 -14.07 -19.64 8.29
N TYR B 9 -13.22 -18.62 8.21
CA TYR B 9 -12.18 -18.54 7.19
C TYR B 9 -10.85 -18.25 7.88
N GLN B 10 -9.81 -18.97 7.47
CA GLN B 10 -8.48 -18.80 8.03
C GLN B 10 -7.46 -18.65 6.92
N PHE B 11 -6.44 -17.83 7.18
CA PHE B 11 -5.29 -17.71 6.31
C PHE B 11 -4.04 -17.73 7.18
N LYS B 12 -3.10 -18.60 6.83
CA LYS B 12 -1.88 -18.80 7.62
C LYS B 12 -0.68 -18.65 6.71
N GLY B 13 0.15 -17.63 6.96
CA GLY B 13 1.41 -17.49 6.28
C GLY B 13 2.54 -18.04 7.12
N MET B 14 2.91 -19.29 6.88
CA MET B 14 3.82 -20.02 7.76
C MET B 14 5.20 -20.15 7.13
N CYS B 15 6.23 -19.91 7.94
CA CYS B 15 7.62 -20.04 7.53
C CYS B 15 8.26 -21.19 8.31
N TYR B 16 9.08 -21.99 7.62
CA TYR B 16 9.77 -23.13 8.20
C TYR B 16 11.26 -22.93 8.05
N PHE B 17 11.97 -22.81 9.17
CA PHE B 17 13.39 -22.52 9.18
C PHE B 17 14.18 -23.75 9.62
N THR B 18 15.32 -23.97 8.96
CA THR B 18 16.21 -25.08 9.28
C THR B 18 17.65 -24.63 9.04
N ASN B 19 18.56 -25.07 9.92
CA ASN B 19 19.99 -24.74 9.80
C ASN B 19 20.20 -23.23 9.84
N GLY B 20 19.52 -22.55 10.75
CA GLY B 20 19.58 -21.11 10.81
C GLY B 20 18.90 -20.45 9.63
N THR B 21 19.69 -19.83 8.75
CA THR B 21 19.16 -19.16 7.56
C THR B 21 19.41 -19.95 6.28
N GLU B 22 19.99 -21.15 6.39
CA GLU B 22 20.35 -21.90 5.18
C GLU B 22 19.11 -22.46 4.48
N ARG B 23 18.16 -22.99 5.24
CA ARG B 23 16.95 -23.60 4.69
C ARG B 23 15.75 -22.81 5.17
N VAL B 24 15.02 -22.20 4.23
CA VAL B 24 13.80 -21.46 4.52
C VAL B 24 12.72 -21.94 3.54
N ARG B 25 11.49 -22.06 4.04
CA ARG B 25 10.37 -22.53 3.22
C ARG B 25 9.11 -21.80 3.64
N LEU B 26 8.35 -21.33 2.65
CA LEU B 26 7.12 -20.58 2.89
C LEU B 26 5.92 -21.38 2.40
N VAL B 27 4.93 -21.54 3.27
CA VAL B 27 3.68 -22.23 2.92
C VAL B 27 2.52 -21.40 3.45
N THR B 28 1.82 -20.73 2.54
CA THR B 28 0.60 -20.01 2.89
C THR B 28 -0.60 -20.93 2.70
N ARG B 29 -1.53 -20.88 3.66
CA ARG B 29 -2.64 -21.82 3.70
C ARG B 29 -3.95 -21.07 3.74
N TYR B 30 -4.84 -21.38 2.80
CA TYR B 30 -6.18 -20.80 2.75
C TYR B 30 -7.17 -21.87 3.20
N ILE B 31 -7.85 -21.60 4.32
CA ILE B 31 -8.64 -22.61 5.01
C ILE B 31 -10.07 -22.09 5.14
N TYR B 32 -11.03 -22.89 4.67
CA TYR B 32 -12.45 -22.63 4.87
C TYR B 32 -12.95 -23.54 5.98
N ASN B 33 -13.53 -22.94 7.02
CA ASN B 33 -13.83 -23.64 8.27
C ASN B 33 -12.57 -24.31 8.80
N ARG B 34 -12.44 -25.62 8.59
CA ARG B 34 -11.22 -26.34 8.96
C ARG B 34 -10.64 -27.09 7.78
N GLU B 35 -11.03 -26.74 6.56
CA GLU B 35 -10.58 -27.42 5.34
C GLU B 35 -9.63 -26.50 4.58
N GLU B 36 -8.36 -26.89 4.52
CA GLU B 36 -7.38 -26.19 3.69
C GLU B 36 -7.63 -26.57 2.24
N TYR B 37 -8.08 -25.60 1.43
CA TYR B 37 -8.44 -25.87 0.05
C TYR B 37 -7.45 -25.34 -0.97
N ALA B 38 -6.59 -24.41 -0.60
CA ALA B 38 -5.58 -23.88 -1.50
C ALA B 38 -4.34 -23.51 -0.71
N ARG B 39 -3.18 -23.57 -1.35
CA ARG B 39 -1.94 -23.23 -0.68
C ARG B 39 -0.89 -22.83 -1.71
N PHE B 40 0.10 -22.08 -1.24
CA PHE B 40 1.30 -21.75 -2.00
C PHE B 40 2.50 -22.29 -1.26
N ASP B 41 3.28 -23.14 -1.93
CA ASP B 41 4.50 -23.71 -1.37
C ASP B 41 5.69 -23.14 -2.13
N SER B 42 6.63 -22.53 -1.41
CA SER B 42 7.80 -21.93 -2.05
C SER B 42 8.66 -23.00 -2.74
N ASP B 43 8.60 -24.24 -2.26
CA ASP B 43 9.30 -25.33 -2.94
C ASP B 43 8.65 -25.67 -4.28
N VAL B 44 7.39 -25.30 -4.47
CA VAL B 44 6.69 -25.52 -5.72
C VAL B 44 6.70 -24.28 -6.60
N GLY B 45 6.47 -23.11 -6.02
CA GLY B 45 6.54 -21.85 -6.74
C GLY B 45 5.23 -21.37 -7.32
N VAL B 46 4.16 -22.14 -7.21
CA VAL B 46 2.85 -21.75 -7.71
C VAL B 46 1.79 -22.18 -6.69
N TYR B 47 0.60 -21.61 -6.83
CA TYR B 47 -0.53 -22.01 -6.02
C TYR B 47 -1.07 -23.36 -6.49
N ARG B 48 -1.59 -24.14 -5.54
CA ARG B 48 -2.13 -25.45 -5.82
C ARG B 48 -3.44 -25.63 -5.07
N ALA B 49 -4.40 -26.29 -5.71
CA ALA B 49 -5.64 -26.64 -5.06
C ALA B 49 -5.44 -27.88 -4.21
N VAL B 50 -5.92 -27.83 -2.96
CA VAL B 50 -5.79 -28.93 -2.03
C VAL B 50 -7.05 -29.79 -2.01
N THR B 51 -8.21 -29.17 -2.14
CA THR B 51 -9.50 -29.84 -2.23
C THR B 51 -10.21 -29.32 -3.47
N PRO B 52 -11.29 -29.99 -3.90
CA PRO B 52 -12.03 -29.50 -5.08
C PRO B 52 -12.64 -28.12 -4.89
N LEU B 53 -12.42 -27.51 -3.73
CA LEU B 53 -12.96 -26.19 -3.43
C LEU B 53 -12.08 -25.05 -3.91
N GLY B 54 -10.81 -25.32 -4.25
CA GLY B 54 -9.90 -24.26 -4.63
C GLY B 54 -9.22 -24.30 -6.00
N PRO B 55 -9.69 -25.09 -6.97
CA PRO B 55 -9.22 -24.91 -8.35
C PRO B 55 -9.49 -23.51 -8.88
N PRO B 56 -10.67 -22.92 -8.62
CA PRO B 56 -10.87 -21.53 -9.11
C PRO B 56 -9.91 -20.53 -8.49
N ALA B 57 -9.56 -20.71 -7.22
CA ALA B 57 -8.65 -19.76 -6.57
C ALA B 57 -7.23 -19.93 -7.08
N ALA B 58 -6.75 -21.17 -7.20
CA ALA B 58 -5.38 -21.41 -7.63
C ALA B 58 -5.16 -20.96 -9.07
N GLU B 59 -6.13 -21.24 -9.94
CA GLU B 59 -6.00 -20.83 -11.34
C GLU B 59 -5.97 -19.31 -11.46
N TYR B 60 -6.81 -18.62 -10.68
CA TYR B 60 -6.85 -17.16 -10.73
C TYR B 60 -5.57 -16.55 -10.16
N TRP B 61 -5.10 -17.07 -9.03
CA TRP B 61 -3.90 -16.52 -8.41
C TRP B 61 -2.66 -16.80 -9.23
N ASN B 62 -2.61 -17.94 -9.93
CA ASN B 62 -1.47 -18.21 -10.81
C ASN B 62 -1.53 -17.42 -12.11
N SER B 63 -2.72 -16.97 -12.52
CA SER B 63 -2.85 -16.19 -13.74
C SER B 63 -2.56 -14.71 -13.52
N GLN B 64 -2.55 -14.25 -12.27
CA GLN B 64 -2.28 -12.84 -11.95
C GLN B 64 -0.81 -12.71 -11.59
N LYS B 65 -0.05 -12.12 -12.51
CA LYS B 65 1.40 -11.97 -12.33
C LYS B 65 1.72 -11.24 -11.03
N GLU B 66 0.90 -10.25 -10.66
CA GLU B 66 1.20 -9.47 -9.45
C GLU B 66 1.06 -10.31 -8.19
N VAL B 67 0.05 -11.16 -8.13
CA VAL B 67 -0.16 -11.99 -6.94
C VAL B 67 0.94 -13.03 -6.81
N LEU B 68 1.27 -13.70 -7.92
CA LEU B 68 2.28 -14.75 -7.87
C LEU B 68 3.67 -14.18 -7.55
N GLU B 69 3.99 -13.00 -8.09
CA GLU B 69 5.30 -12.41 -7.82
C GLU B 69 5.39 -11.91 -6.38
N ARG B 70 4.31 -11.31 -5.87
CA ARG B 70 4.31 -10.87 -4.49
C ARG B 70 4.44 -12.06 -3.54
N THR B 71 3.72 -13.15 -3.84
CA THR B 71 3.78 -14.33 -2.98
C THR B 71 5.12 -15.03 -3.09
N ARG B 72 5.71 -15.08 -4.28
CA ARG B 72 7.04 -15.66 -4.43
C ARG B 72 8.08 -14.85 -3.68
N ALA B 73 7.97 -13.52 -3.69
CA ALA B 73 8.94 -12.68 -3.00
C ALA B 73 8.78 -12.70 -1.50
N GLU B 74 7.64 -13.17 -0.98
CA GLU B 74 7.42 -13.17 0.46
C GLU B 74 8.35 -14.13 1.20
N LEU B 75 9.01 -15.05 0.49
CA LEU B 75 10.03 -15.86 1.13
C LEU B 75 11.16 -15.01 1.67
N ASP B 76 11.43 -13.86 1.04
CA ASP B 76 12.46 -12.93 1.48
C ASP B 76 11.91 -11.77 2.30
N THR B 77 10.78 -11.18 1.88
CA THR B 77 10.25 -10.02 2.57
C THR B 77 9.55 -10.35 3.87
N VAL B 78 9.14 -11.61 4.06
CA VAL B 78 8.43 -12.04 5.27
C VAL B 78 9.27 -13.02 6.09
N CYS B 79 9.60 -14.17 5.50
CA CYS B 79 10.26 -15.23 6.26
C CYS B 79 11.70 -14.82 6.63
N ARG B 80 12.52 -14.52 5.62
CA ARG B 80 13.93 -14.22 5.89
C ARG B 80 14.08 -12.90 6.65
N HIS B 81 13.23 -11.92 6.36
CA HIS B 81 13.36 -10.62 7.01
C HIS B 81 13.00 -10.70 8.49
N ASN B 82 11.87 -11.31 8.81
CA ASN B 82 11.44 -11.43 10.20
C ASN B 82 12.32 -12.37 11.00
N TYR B 83 13.00 -13.32 10.36
CA TYR B 83 13.86 -14.24 11.09
C TYR B 83 15.06 -13.51 11.68
N GLN B 84 15.55 -12.47 10.99
CA GLN B 84 16.67 -11.69 11.51
C GLN B 84 16.32 -11.02 12.83
N LEU B 85 15.04 -10.69 13.03
CA LEU B 85 14.58 -10.15 14.31
C LEU B 85 14.40 -11.24 15.36
N GLU B 86 14.18 -12.49 14.94
CA GLU B 86 14.10 -13.58 15.90
C GLU B 86 15.49 -13.89 16.49
N LEU B 87 16.53 -13.77 15.67
CA LEU B 87 17.89 -13.97 16.17
C LEU B 87 18.23 -12.99 17.28
N ARG B 88 17.67 -11.79 17.24
CA ARG B 88 17.97 -10.75 18.21
C ARG B 88 17.05 -10.77 19.42
N THR B 89 15.92 -11.49 19.36
CA THR B 89 14.97 -11.49 20.46
C THR B 89 14.60 -12.91 20.89
N THR B 90 13.71 -13.55 20.13
CA THR B 90 13.13 -14.83 20.56
C THR B 90 14.19 -15.91 20.69
N LEU B 91 15.08 -16.03 19.69
CA LEU B 91 16.07 -17.10 19.69
C LEU B 91 17.15 -16.91 20.75
N GLN B 92 17.16 -15.79 21.47
CA GLN B 92 18.10 -15.58 22.56
C GLN B 92 17.45 -15.63 23.93
N ARG B 93 16.12 -15.77 23.99
CA ARG B 93 15.41 -15.76 25.27
C ARG B 93 15.77 -17.02 26.06
N ARG B 94 16.36 -16.82 27.24
CA ARG B 94 16.71 -17.90 28.15
C ARG B 94 16.06 -17.62 29.49
N VAL B 95 15.19 -18.53 29.94
CA VAL B 95 14.56 -18.46 31.25
C VAL B 95 14.88 -19.76 31.97
N GLU B 96 15.60 -19.66 33.08
CA GLU B 96 16.08 -20.85 33.76
C GLU B 96 14.96 -21.52 34.54
N PRO B 97 14.94 -22.85 34.58
CA PRO B 97 13.84 -23.56 35.24
C PRO B 97 13.98 -23.57 36.76
N THR B 98 12.84 -23.73 37.41
CA THR B 98 12.75 -23.91 38.85
C THR B 98 12.40 -25.37 39.13
N VAL B 99 13.22 -26.04 39.93
CA VAL B 99 13.08 -27.47 40.21
C VAL B 99 12.63 -27.65 41.64
N THR B 100 11.55 -28.40 41.84
CA THR B 100 10.97 -28.64 43.15
C THR B 100 10.45 -30.07 43.22
N ILE B 101 10.72 -30.74 44.33
CA ILE B 101 10.26 -32.10 44.59
C ILE B 101 9.17 -32.04 45.65
N SER B 102 8.03 -32.65 45.36
CA SER B 102 6.89 -32.65 46.27
C SER B 102 6.37 -34.08 46.42
N PRO B 103 6.18 -34.56 47.64
CA PRO B 103 5.65 -35.91 47.83
C PRO B 103 4.16 -35.97 47.54
N SER B 104 3.73 -37.05 46.91
CA SER B 104 2.34 -37.23 46.53
C SER B 104 1.95 -38.70 46.55
N ASN B 113 2.62 -44.48 47.01
CA ASN B 113 3.38 -43.28 47.34
C ASN B 113 4.14 -42.78 46.13
N LEU B 114 3.92 -41.51 45.78
CA LEU B 114 4.46 -40.92 44.57
C LEU B 114 5.33 -39.71 44.91
N LEU B 115 6.33 -39.48 44.08
CA LEU B 115 7.25 -38.35 44.25
C LEU B 115 7.29 -37.57 42.95
N VAL B 116 6.93 -36.29 43.01
CA VAL B 116 6.76 -35.45 41.84
C VAL B 116 7.89 -34.43 41.79
N CYS B 117 8.62 -34.42 40.67
CA CYS B 117 9.66 -33.41 40.41
C CYS B 117 9.08 -32.39 39.44
N SER B 118 8.85 -31.17 39.93
CA SER B 118 8.28 -30.10 39.12
C SER B 118 9.38 -29.23 38.54
N VAL B 119 9.37 -29.08 37.22
CA VAL B 119 10.30 -28.21 36.50
C VAL B 119 9.46 -27.15 35.82
N THR B 120 9.49 -25.93 36.34
CA THR B 120 8.53 -24.90 35.97
C THR B 120 9.22 -23.65 35.43
N ASP B 121 8.53 -22.97 34.51
CA ASP B 121 8.88 -21.63 34.03
C ASP B 121 10.29 -21.61 33.43
N PHE B 122 10.42 -22.29 32.30
CA PHE B 122 11.68 -22.31 31.56
C PHE B 122 11.42 -22.07 30.08
N TYR B 123 12.47 -21.61 29.39
CA TYR B 123 12.45 -21.37 27.96
C TYR B 123 13.89 -21.35 27.48
N PRO B 124 14.23 -22.01 26.36
CA PRO B 124 13.35 -22.69 25.40
C PRO B 124 12.82 -24.05 25.87
N ALA B 125 12.35 -24.83 24.90
CA ALA B 125 11.62 -26.07 25.19
C ALA B 125 12.51 -27.24 25.55
N GLN B 126 13.78 -27.21 25.16
CA GLN B 126 14.68 -28.33 25.43
C GLN B 126 14.89 -28.49 26.92
N ILE B 127 14.56 -29.66 27.46
CA ILE B 127 14.68 -29.92 28.88
C ILE B 127 14.99 -31.40 29.06
N LYS B 128 15.74 -31.71 30.12
CA LYS B 128 16.16 -33.08 30.41
C LYS B 128 16.03 -33.32 31.90
N VAL B 129 15.24 -34.33 32.27
CA VAL B 129 14.97 -34.65 33.68
C VAL B 129 15.23 -36.12 33.91
N ARG B 130 15.96 -36.45 34.99
CA ARG B 130 16.24 -37.82 35.35
C ARG B 130 16.09 -38.00 36.86
N TRP B 131 15.64 -39.17 37.26
CA TRP B 131 15.46 -39.51 38.67
C TRP B 131 16.58 -40.43 39.14
N PHE B 132 17.01 -40.22 40.39
CA PHE B 132 18.04 -41.06 41.00
C PHE B 132 17.64 -41.39 42.43
N ARG B 133 17.81 -42.66 42.79
CA ARG B 133 17.60 -43.13 44.17
C ARG B 133 18.93 -43.60 44.70
N ASN B 134 19.51 -42.81 45.62
CA ASN B 134 20.83 -43.09 46.19
C ASN B 134 21.88 -43.22 45.08
N ASP B 135 21.90 -42.22 44.19
CA ASP B 135 22.83 -42.11 43.07
C ASP B 135 22.67 -43.21 42.03
N GLN B 136 21.61 -44.00 42.09
CA GLN B 136 21.31 -45.00 41.08
C GLN B 136 20.07 -44.57 40.31
N GLU B 137 20.13 -44.68 38.99
CA GLU B 137 19.07 -44.14 38.14
C GLU B 137 17.82 -45.02 38.21
N GLU B 138 16.66 -44.37 38.22
CA GLU B 138 15.36 -45.04 38.26
C GLU B 138 14.64 -44.78 36.95
N THR B 139 14.14 -45.85 36.32
CA THR B 139 13.44 -45.73 35.05
C THR B 139 12.15 -46.53 35.03
N THR B 140 12.08 -47.60 35.82
CA THR B 140 10.95 -48.51 35.74
C THR B 140 9.65 -47.85 36.21
N GLY B 141 9.71 -47.10 37.30
CA GLY B 141 8.52 -46.47 37.84
C GLY B 141 8.52 -44.96 37.69
N VAL B 142 8.80 -44.48 36.48
CA VAL B 142 8.90 -43.05 36.21
C VAL B 142 7.86 -42.68 35.15
N VAL B 143 6.99 -41.72 35.49
CA VAL B 143 6.04 -41.15 34.54
C VAL B 143 6.39 -39.69 34.35
N SER B 144 6.39 -39.24 33.10
CA SER B 144 6.61 -37.83 32.78
C SER B 144 5.47 -37.35 31.88
N THR B 145 4.91 -36.20 32.23
CA THR B 145 3.93 -35.57 31.38
C THR B 145 4.60 -35.06 30.11
N PRO B 146 3.83 -34.85 29.04
CA PRO B 146 4.37 -34.13 27.88
C PRO B 146 4.78 -32.72 28.28
N LEU B 147 5.48 -32.05 27.38
CA LEU B 147 5.86 -30.67 27.61
C LEU B 147 4.60 -29.80 27.72
N ILE B 148 4.45 -29.12 28.85
CA ILE B 148 3.27 -28.31 29.11
C ILE B 148 3.58 -26.87 28.73
N ARG B 149 2.80 -26.33 27.79
CA ARG B 149 2.99 -24.96 27.32
C ARG B 149 2.10 -24.04 28.14
N ASN B 150 2.72 -23.14 28.93
CA ASN B 150 1.96 -22.24 29.78
C ASN B 150 1.31 -21.12 29.00
N GLY B 151 1.73 -20.88 27.76
CA GLY B 151 1.14 -19.84 26.94
C GLY B 151 1.68 -18.44 27.17
N ASP B 152 2.65 -18.28 28.09
CA ASP B 152 3.27 -16.99 28.37
C ASP B 152 4.76 -17.05 28.09
N TRP B 153 5.14 -17.78 27.04
CA TRP B 153 6.55 -17.95 26.64
C TRP B 153 7.37 -18.63 27.73
N THR B 154 6.73 -19.51 28.51
CA THR B 154 7.41 -20.37 29.46
C THR B 154 6.83 -21.77 29.35
N PHE B 155 7.66 -22.77 29.65
CA PHE B 155 7.24 -24.16 29.59
C PHE B 155 7.27 -24.78 30.97
N GLN B 156 6.76 -26.00 31.05
CA GLN B 156 6.62 -26.72 32.31
C GLN B 156 6.59 -28.21 32.01
N ILE B 157 7.11 -29.01 32.93
CA ILE B 157 7.08 -30.47 32.80
C ILE B 157 7.09 -31.08 34.20
N LEU B 158 6.34 -32.17 34.35
CA LEU B 158 6.22 -32.86 35.63
C LEU B 158 6.69 -34.30 35.46
N VAL B 159 7.67 -34.70 36.26
CA VAL B 159 8.25 -36.04 36.20
C VAL B 159 8.02 -36.71 37.55
N MET B 160 7.26 -37.80 37.55
CA MET B 160 6.84 -38.48 38.76
C MET B 160 7.59 -39.80 38.91
N LEU B 161 7.86 -40.18 40.17
CA LEU B 161 8.59 -41.40 40.48
C LEU B 161 7.85 -42.17 41.56
N GLU B 162 7.47 -43.40 41.25
CA GLU B 162 6.88 -44.29 42.24
C GLU B 162 7.98 -44.81 43.16
N MET B 163 7.82 -44.59 44.46
CA MET B 163 8.88 -44.86 45.41
C MET B 163 8.36 -45.69 46.58
N THR B 164 9.26 -46.51 47.14
CA THR B 164 9.04 -47.21 48.40
C THR B 164 10.18 -46.76 49.31
N PRO B 165 10.03 -45.61 49.98
CA PRO B 165 11.17 -44.98 50.65
C PRO B 165 11.59 -45.75 51.90
N GLN B 166 12.87 -46.06 51.99
CA GLN B 166 13.48 -46.65 53.18
C GLN B 166 14.11 -45.52 54.00
N ARG B 167 14.96 -45.89 54.96
CA ARG B 167 15.67 -44.91 55.78
C ARG B 167 17.05 -44.64 55.18
N GLY B 168 17.44 -43.37 55.19
CA GLY B 168 18.69 -42.96 54.57
C GLY B 168 18.63 -42.80 53.07
N ASP B 169 17.48 -43.04 52.45
CA ASP B 169 17.35 -42.87 51.01
C ASP B 169 17.35 -41.40 50.64
N VAL B 170 18.11 -41.07 49.59
CA VAL B 170 18.21 -39.70 49.08
C VAL B 170 17.78 -39.74 47.63
N TYR B 171 16.56 -39.29 47.35
CA TYR B 171 16.05 -39.17 45.99
C TYR B 171 16.46 -37.81 45.44
N THR B 172 17.01 -37.82 44.22
CA THR B 172 17.46 -36.59 43.58
C THR B 172 16.84 -36.47 42.19
N CYS B 173 16.59 -35.22 41.79
CA CYS B 173 16.07 -34.90 40.46
C CYS B 173 17.11 -34.06 39.73
N HIS B 174 17.59 -34.59 38.60
CA HIS B 174 18.63 -33.94 37.81
C HIS B 174 18.00 -33.29 36.59
N VAL B 175 18.21 -31.99 36.42
CA VAL B 175 17.56 -31.21 35.38
C VAL B 175 18.62 -30.48 34.56
N GLU B 176 18.54 -30.58 33.24
CA GLU B 176 19.44 -29.90 32.33
C GLU B 176 18.63 -29.03 31.38
N HIS B 177 19.14 -27.82 31.12
CA HIS B 177 18.46 -26.85 30.28
C HIS B 177 19.51 -26.00 29.58
N PRO B 178 19.25 -25.57 28.34
CA PRO B 178 20.24 -24.75 27.64
C PRO B 178 20.63 -23.47 28.36
N SER B 179 19.77 -22.93 29.22
CA SER B 179 20.11 -21.75 29.99
C SER B 179 21.00 -22.02 31.19
N LEU B 180 21.30 -23.29 31.47
CA LEU B 180 22.11 -23.67 32.62
C LEU B 180 23.46 -24.20 32.16
N GLN B 181 24.52 -23.77 32.85
CA GLN B 181 25.84 -24.31 32.57
C GLN B 181 26.03 -25.67 33.21
N ASN B 182 25.45 -25.87 34.40
CA ASN B 182 25.52 -27.12 35.13
C ASN B 182 24.11 -27.64 35.41
N PRO B 183 23.95 -28.95 35.56
CA PRO B 183 22.63 -29.49 35.88
C PRO B 183 22.18 -29.11 37.28
N ILE B 184 20.88 -28.92 37.44
CA ILE B 184 20.28 -28.60 38.72
C ILE B 184 19.88 -29.91 39.41
N ILE B 185 20.39 -30.13 40.62
CA ILE B 185 20.13 -31.34 41.38
C ILE B 185 19.41 -30.95 42.67
N VAL B 186 18.20 -31.48 42.84
CA VAL B 186 17.39 -31.23 44.03
C VAL B 186 17.19 -32.55 44.75
N GLU B 187 17.41 -32.57 46.06
CA GLU B 187 17.32 -33.78 46.85
C GLU B 187 15.98 -33.85 47.59
N TRP B 188 15.65 -35.06 48.01
CA TRP B 188 14.47 -35.29 48.84
C TRP B 188 14.75 -36.45 49.78
N ARG B 189 14.40 -36.27 51.05
CA ARG B 189 14.61 -37.28 52.07
C ARG B 189 13.32 -37.49 52.84
N ALA B 190 12.97 -38.76 53.08
CA ALA B 190 11.75 -39.07 53.82
C ALA B 190 11.90 -38.67 55.28
N GLN B 191 10.76 -38.56 55.96
CA GLN B 191 10.75 -38.19 57.36
C GLN B 191 10.30 -39.36 58.23
N GLY C 1 12.72 -0.66 14.94
CA GLY C 1 12.85 0.54 14.13
C GLY C 1 12.16 0.43 12.78
N GLN C 2 12.22 -0.76 12.18
CA GLN C 2 11.62 -1.01 10.88
C GLN C 2 10.44 -1.96 11.03
N VAL C 3 9.34 -1.64 10.35
CA VAL C 3 8.13 -2.45 10.45
C VAL C 3 8.31 -3.75 9.68
N GLU C 4 7.96 -4.85 10.31
CA GLU C 4 7.96 -6.16 9.66
C GLU C 4 6.54 -6.48 9.20
N LEU C 5 6.45 -7.28 8.13
CA LEU C 5 5.19 -7.60 7.51
C LEU C 5 4.80 -9.04 7.78
N GLY C 6 3.53 -9.36 7.48
CA GLY C 6 3.05 -10.72 7.42
C GLY C 6 2.81 -11.17 6.00
N GLY C 7 2.25 -12.37 5.88
CA GLY C 7 1.87 -12.85 4.57
C GLY C 7 0.64 -12.13 4.07
N GLY C 8 0.65 -11.79 2.77
CA GLY C 8 -0.48 -11.12 2.16
C GLY C 8 -1.52 -12.12 1.68
N SER C 9 -2.77 -11.91 2.08
CA SER C 9 -3.85 -12.80 1.70
C SER C 9 -4.37 -12.43 0.31
N SER C 10 -4.33 -13.39 -0.62
CA SER C 10 -4.74 -13.12 -1.98
C SER C 10 -6.27 -13.17 -2.09
N PRO C 11 -6.86 -12.29 -2.90
CA PRO C 11 -8.33 -12.21 -2.96
C PRO C 11 -8.95 -13.35 -3.76
N GLU C 12 -10.16 -13.73 -3.37
CA GLU C 12 -10.90 -14.76 -4.08
C GLU C 12 -11.46 -14.22 -5.39
N THR C 13 -12.10 -15.11 -6.15
CA THR C 13 -12.52 -14.79 -7.52
C THR C 13 -13.80 -13.98 -7.59
N CYS C 14 -14.63 -14.00 -6.55
CA CYS C 14 -15.92 -13.32 -6.60
C CYS C 14 -15.75 -11.81 -6.75
N ILE C 15 -16.65 -11.19 -7.51
CA ILE C 15 -16.57 -9.76 -7.76
C ILE C 15 -17.14 -8.96 -6.59
N MET D 1 10.59 12.01 3.22
CA MET D 1 10.36 10.57 3.23
C MET D 1 11.69 9.82 3.27
N LYS D 2 11.70 8.60 2.74
CA LYS D 2 12.87 7.75 2.75
C LYS D 2 13.78 7.93 1.54
N THR D 3 13.32 8.64 0.51
CA THR D 3 14.09 8.82 -0.71
C THR D 3 14.44 10.29 -0.92
N THR D 4 15.61 10.52 -1.51
CA THR D 4 16.04 11.86 -1.89
C THR D 4 16.54 11.83 -3.33
N GLN D 5 16.14 12.84 -4.09
CA GLN D 5 16.46 12.94 -5.51
C GLN D 5 16.94 14.35 -5.82
N PRO D 6 17.72 14.51 -6.88
CA PRO D 6 18.03 15.86 -7.37
C PRO D 6 16.77 16.54 -7.86
N PRO D 7 16.53 17.78 -7.45
CA PRO D 7 15.27 18.45 -7.84
C PRO D 7 15.12 18.64 -9.33
N SER D 8 16.22 18.84 -10.06
CA SER D 8 16.17 19.07 -11.49
C SER D 8 17.32 18.32 -12.16
N MET D 9 17.12 17.97 -13.44
CA MET D 9 18.14 17.25 -14.19
C MET D 9 17.88 17.47 -15.68
N ASP D 10 18.96 17.57 -16.45
CA ASP D 10 18.89 17.73 -17.89
C ASP D 10 19.46 16.49 -18.59
N CYS D 11 18.97 16.25 -19.80
CA CYS D 11 19.44 15.12 -20.60
C CYS D 11 19.28 15.46 -22.08
N ALA D 12 20.22 15.00 -22.89
CA ALA D 12 20.14 15.21 -24.33
C ALA D 12 19.23 14.16 -24.95
N GLU D 13 18.46 14.59 -25.95
CA GLU D 13 17.53 13.68 -26.61
C GLU D 13 18.28 12.62 -27.39
N GLY D 14 17.78 11.38 -27.33
CA GLY D 14 18.42 10.27 -27.98
C GLY D 14 19.44 9.53 -27.15
N ARG D 15 19.91 10.13 -26.06
CA ARG D 15 20.87 9.50 -25.16
C ARG D 15 20.15 8.88 -23.96
N ALA D 16 20.86 8.04 -23.24
CA ALA D 16 20.30 7.40 -22.06
C ALA D 16 20.32 8.36 -20.88
N ALA D 17 19.24 8.36 -20.11
CA ALA D 17 19.10 9.20 -18.94
C ALA D 17 19.18 8.34 -17.68
N ASN D 18 20.19 8.57 -16.85
CA ASN D 18 20.39 7.85 -15.62
C ASN D 18 19.93 8.73 -14.45
N LEU D 19 18.79 8.37 -13.86
CA LEU D 19 18.22 9.17 -12.79
C LEU D 19 18.57 8.56 -11.44
N PRO D 20 19.30 9.26 -10.59
CA PRO D 20 19.71 8.70 -9.30
C PRO D 20 18.66 8.87 -8.22
N CYS D 21 18.70 7.94 -7.25
CA CYS D 21 17.83 7.98 -6.09
C CYS D 21 18.55 7.34 -4.91
N ASN D 22 18.58 8.05 -3.79
CA ASN D 22 19.22 7.60 -2.55
C ASN D 22 18.14 7.25 -1.53
N HIS D 23 18.30 6.11 -0.85
CA HIS D 23 17.36 5.61 0.15
C HIS D 23 18.14 4.67 1.07
N SER D 24 18.96 5.27 1.93
CA SER D 24 19.85 4.49 2.79
C SER D 24 19.09 3.77 3.89
N THR D 25 17.97 4.34 4.34
CA THR D 25 17.19 3.76 5.43
C THR D 25 16.12 2.81 4.95
N ILE D 26 16.22 2.31 3.71
CA ILE D 26 15.22 1.39 3.18
C ILE D 26 15.29 0.06 3.92
N SER D 27 14.15 -0.60 4.02
CA SER D 27 14.05 -1.89 4.68
C SER D 27 14.10 -3.01 3.65
N GLY D 28 14.38 -4.23 4.13
CA GLY D 28 14.46 -5.38 3.27
C GLY D 28 13.12 -5.80 2.67
N ASN D 29 12.01 -5.42 3.31
CA ASN D 29 10.68 -5.75 2.82
C ASN D 29 10.02 -4.58 2.09
N GLU D 30 10.82 -3.63 1.59
CA GLU D 30 10.30 -2.45 0.90
C GLU D 30 10.77 -2.47 -0.55
N TYR D 31 9.83 -2.35 -1.48
CA TYR D 31 10.15 -2.24 -2.89
C TYR D 31 10.51 -0.81 -3.24
N VAL D 32 11.32 -0.66 -4.28
CA VAL D 32 11.60 0.64 -4.88
C VAL D 32 10.66 0.80 -6.07
N TYR D 33 9.81 1.82 -6.02
CA TYR D 33 8.89 2.14 -7.09
C TYR D 33 9.31 3.44 -7.78
N TRP D 34 9.02 3.52 -9.08
CA TRP D 34 9.31 4.73 -9.86
C TRP D 34 8.04 5.14 -10.61
N TYR D 35 7.64 6.40 -10.40
CA TYR D 35 6.53 7.00 -11.12
C TYR D 35 7.01 8.27 -11.80
N ARG D 36 6.26 8.69 -12.82
CA ARG D 36 6.50 9.98 -13.45
C ARG D 36 5.17 10.63 -13.77
N GLN D 37 5.18 11.96 -13.84
CA GLN D 37 3.96 12.72 -14.07
C GLN D 37 4.24 13.82 -15.08
N ILE D 38 3.71 13.66 -16.29
CA ILE D 38 3.73 14.73 -17.27
C ILE D 38 2.76 15.83 -16.84
N HIS D 39 3.11 17.08 -17.14
CA HIS D 39 2.30 18.22 -16.74
C HIS D 39 0.86 18.04 -17.20
N SER D 40 -0.08 18.40 -16.32
CA SER D 40 -1.52 18.31 -16.60
C SER D 40 -1.96 16.87 -16.84
N GLN D 41 -1.35 15.93 -16.11
CA GLN D 41 -1.73 14.52 -16.17
C GLN D 41 -1.58 13.91 -14.79
N GLY D 42 -1.99 12.64 -14.68
CA GLY D 42 -1.80 11.89 -13.46
C GLY D 42 -0.51 11.09 -13.48
N PRO D 43 -0.09 10.62 -12.31
CA PRO D 43 1.18 9.87 -12.24
C PRO D 43 1.11 8.59 -13.06
N GLN D 44 2.21 8.29 -13.74
CA GLN D 44 2.33 7.11 -14.59
C GLN D 44 3.31 6.14 -13.95
N TYR D 45 2.87 4.91 -13.71
CA TYR D 45 3.77 3.88 -13.22
C TYR D 45 4.81 3.53 -14.27
N ILE D 46 6.05 3.34 -13.82
CA ILE D 46 7.17 3.02 -14.71
C ILE D 46 7.69 1.61 -14.45
N ILE D 47 8.22 1.37 -13.25
CA ILE D 47 8.88 0.10 -12.93
C ILE D 47 9.01 0.01 -11.42
N HIS D 48 9.21 -1.21 -10.92
CA HIS D 48 9.50 -1.42 -9.52
C HIS D 48 10.37 -2.65 -9.37
N GLY D 49 10.99 -2.78 -8.20
CA GLY D 49 11.87 -3.90 -7.95
C GLY D 49 12.23 -3.98 -6.48
N LEU D 50 12.70 -5.16 -6.08
CA LEU D 50 13.16 -5.41 -4.73
C LEU D 50 14.67 -5.39 -4.60
N LYS D 51 15.37 -6.18 -5.40
CA LYS D 51 16.83 -6.26 -5.33
C LYS D 51 17.41 -6.32 -6.74
N ASN D 52 18.59 -5.71 -6.90
CA ASN D 52 19.38 -5.77 -8.13
C ASN D 52 18.68 -5.16 -9.34
N ASN D 53 18.52 -5.91 -10.43
CA ASN D 53 18.15 -5.32 -11.71
C ASN D 53 16.78 -5.82 -12.16
N GLU D 54 15.98 -4.88 -12.71
CA GLU D 54 14.71 -5.18 -13.33
C GLU D 54 14.54 -4.32 -14.58
N THR D 55 13.92 -4.89 -15.61
CA THR D 55 13.71 -4.18 -16.88
C THR D 55 12.30 -4.42 -17.39
N ASN D 56 11.80 -3.47 -18.18
CA ASN D 56 10.56 -3.63 -18.91
C ASN D 56 10.65 -2.82 -20.20
N GLU D 57 9.51 -2.64 -20.87
CA GLU D 57 9.49 -1.95 -22.15
C GLU D 57 9.75 -0.45 -22.01
N MET D 58 9.66 0.09 -20.79
CA MET D 58 9.74 1.53 -20.58
C MET D 58 11.08 1.99 -20.03
N ALA D 59 11.69 1.22 -19.12
CA ALA D 59 12.92 1.64 -18.48
C ALA D 59 13.61 0.43 -17.87
N SER D 60 14.73 0.69 -17.19
CA SER D 60 15.46 -0.31 -16.42
C SER D 60 15.75 0.26 -15.04
N LEU D 61 15.65 -0.60 -14.02
CA LEU D 61 15.90 -0.21 -12.64
C LEU D 61 17.05 -1.03 -12.09
N ILE D 62 18.06 -0.36 -11.58
CA ILE D 62 19.25 -1.00 -11.03
C ILE D 62 19.38 -0.57 -9.57
N ILE D 63 19.15 -1.50 -8.65
CA ILE D 63 19.33 -1.27 -7.22
C ILE D 63 20.67 -1.85 -6.81
N THR D 64 21.44 -1.08 -6.05
CA THR D 64 22.76 -1.52 -5.63
C THR D 64 22.65 -2.73 -4.70
N GLU D 65 23.79 -3.41 -4.50
CA GLU D 65 23.80 -4.60 -3.66
C GLU D 65 23.35 -4.28 -2.24
N ASP D 66 23.84 -3.19 -1.66
CA ASP D 66 23.44 -2.77 -0.33
C ASP D 66 22.07 -2.11 -0.30
N ARG D 67 21.44 -1.91 -1.45
CA ARG D 67 20.09 -1.36 -1.60
C ARG D 67 19.97 0.06 -1.07
N LYS D 68 21.07 0.76 -0.82
CA LYS D 68 20.98 2.12 -0.31
C LYS D 68 20.76 3.15 -1.40
N SER D 69 20.84 2.76 -2.66
CA SER D 69 20.59 3.69 -3.76
C SER D 69 20.16 2.89 -4.98
N SER D 70 19.54 3.59 -5.93
CA SER D 70 19.06 2.96 -7.15
C SER D 70 19.14 3.97 -8.28
N THR D 71 19.08 3.44 -9.52
CA THR D 71 19.15 4.26 -10.72
C THR D 71 18.04 3.84 -11.66
N LEU D 72 17.28 4.81 -12.17
CA LEU D 72 16.31 4.58 -13.21
C LEU D 72 16.95 4.93 -14.55
N ILE D 73 17.04 3.94 -15.44
CA ILE D 73 17.68 4.11 -16.74
C ILE D 73 16.59 4.26 -17.79
N LEU D 74 16.54 5.43 -18.42
CA LEU D 74 15.68 5.65 -19.58
C LEU D 74 16.51 5.42 -20.83
N PRO D 75 16.28 4.33 -21.58
CA PRO D 75 17.26 3.93 -22.60
C PRO D 75 17.56 5.01 -23.65
N HIS D 76 16.53 5.64 -24.21
CA HIS D 76 16.71 6.64 -25.26
C HIS D 76 15.74 7.79 -24.98
N ALA D 77 16.22 8.78 -24.23
CA ALA D 77 15.38 9.89 -23.79
C ALA D 77 14.71 10.57 -24.98
N THR D 78 13.39 10.72 -24.90
CA THR D 78 12.60 11.38 -25.92
C THR D 78 12.01 12.67 -25.33
N LEU D 79 11.47 13.51 -26.22
CA LEU D 79 10.81 14.72 -25.77
C LEU D 79 9.63 14.41 -24.86
N ARG D 80 8.98 13.26 -25.07
CA ARG D 80 7.86 12.86 -24.22
C ARG D 80 8.30 12.48 -22.82
N ASP D 81 9.59 12.21 -22.61
CA ASP D 81 10.10 11.83 -21.30
C ASP D 81 10.32 13.03 -20.39
N THR D 82 10.07 14.25 -20.86
CA THR D 82 10.17 15.43 -20.01
C THR D 82 9.02 15.43 -19.01
N ALA D 83 9.32 15.15 -17.74
CA ALA D 83 8.31 15.09 -16.69
C ALA D 83 9.02 15.12 -15.35
N VAL D 84 8.25 15.01 -14.28
CA VAL D 84 8.76 14.89 -12.92
C VAL D 84 8.76 13.42 -12.56
N TYR D 85 9.93 12.90 -12.17
CA TYR D 85 10.08 11.49 -11.84
C TYR D 85 10.17 11.32 -10.33
N TYR D 86 9.30 10.47 -9.78
CA TYR D 86 9.22 10.24 -8.34
C TYR D 86 9.79 8.86 -8.02
N CYS D 87 10.78 8.83 -7.13
CA CYS D 87 11.33 7.60 -6.58
C CYS D 87 10.79 7.41 -5.17
N ILE D 88 10.03 6.34 -4.96
CA ILE D 88 9.35 6.09 -3.69
C ILE D 88 9.63 4.66 -3.26
N VAL D 89 9.18 4.34 -2.04
CA VAL D 89 9.29 3.00 -1.49
C VAL D 89 7.90 2.57 -1.03
N SER D 90 7.67 1.25 -1.03
CA SER D 90 6.37 0.72 -0.65
C SER D 90 6.53 -0.73 -0.21
N HIS D 91 5.74 -1.11 0.80
CA HIS D 91 5.71 -2.49 1.27
C HIS D 91 4.87 -3.41 0.38
N ASN D 92 4.09 -2.84 -0.55
CA ASN D 92 3.13 -3.62 -1.34
C ASN D 92 2.19 -4.40 -0.44
N ALA D 93 1.82 -3.78 0.69
CA ALA D 93 0.89 -4.37 1.65
C ALA D 93 -0.47 -3.70 1.62
N GLY D 94 -0.81 -3.03 0.51
CA GLY D 94 -2.09 -2.36 0.39
C GLY D 94 -2.18 -1.04 1.11
N ASN D 95 -1.05 -0.40 1.40
CA ASN D 95 -1.03 0.88 2.07
C ASN D 95 -0.82 2.02 1.07
N MET D 96 -0.96 3.24 1.55
CA MET D 96 -0.88 4.42 0.70
C MET D 96 0.53 4.59 0.14
N LEU D 97 0.62 5.36 -0.94
CA LEU D 97 1.89 5.75 -1.53
C LEU D 97 2.28 7.13 -1.01
N THR D 98 3.58 7.33 -0.82
CA THR D 98 4.13 8.60 -0.36
C THR D 98 5.12 9.10 -1.40
N PHE D 99 4.82 10.27 -1.97
CA PHE D 99 5.70 10.89 -2.96
C PHE D 99 6.59 11.94 -2.29
N GLY D 100 7.79 12.10 -2.85
CA GLY D 100 8.71 13.12 -2.38
C GLY D 100 8.79 14.29 -3.34
N GLY D 101 9.94 14.97 -3.36
CA GLY D 101 10.08 16.11 -4.25
C GLY D 101 10.13 15.71 -5.71
N GLY D 102 10.81 14.61 -6.03
CA GLY D 102 10.93 14.15 -7.38
C GLY D 102 11.98 14.91 -8.17
N THR D 103 12.34 14.35 -9.32
CA THR D 103 13.32 14.94 -10.22
C THR D 103 12.60 15.47 -11.45
N ARG D 104 12.73 16.76 -11.71
CA ARG D 104 12.13 17.40 -12.88
C ARG D 104 13.09 17.23 -14.05
N LEU D 105 12.87 16.17 -14.83
CA LEU D 105 13.73 15.86 -15.96
C LEU D 105 13.37 16.73 -17.16
N MET D 106 14.37 17.36 -17.75
CA MET D 106 14.19 18.20 -18.93
C MET D 106 14.99 17.59 -20.08
N VAL D 107 14.29 17.05 -21.07
CA VAL D 107 14.93 16.45 -22.24
C VAL D 107 15.12 17.54 -23.28
N LYS D 108 16.37 17.90 -23.54
CA LYS D 108 16.70 19.00 -24.44
C LYS D 108 17.25 18.45 -25.75
N PRO D 109 16.61 18.74 -26.88
CA PRO D 109 17.13 18.26 -28.16
C PRO D 109 18.32 19.08 -28.61
N HIS D 110 19.17 18.45 -29.42
CA HIS D 110 20.31 19.13 -30.02
C HIS D 110 19.92 19.63 -31.40
N ILE D 111 20.02 20.94 -31.60
CA ILE D 111 19.74 21.55 -32.89
C ILE D 111 21.03 21.49 -33.71
N GLN D 112 21.02 20.71 -34.79
CA GLN D 112 22.25 20.50 -35.55
C GLN D 112 22.64 21.73 -36.35
N ASN D 113 21.65 22.43 -36.91
CA ASN D 113 21.89 23.62 -37.74
C ASN D 113 21.09 24.78 -37.17
N PRO D 114 21.62 25.45 -36.14
CA PRO D 114 20.90 26.60 -35.56
C PRO D 114 20.88 27.77 -36.53
N ASP D 115 19.69 28.33 -36.73
CA ASP D 115 19.50 29.49 -37.59
C ASP D 115 18.56 30.48 -36.90
N PRO D 116 19.03 31.09 -35.81
CA PRO D 116 18.13 31.93 -34.99
C PRO D 116 17.68 33.17 -35.77
N ALA D 117 16.37 33.42 -35.74
CA ALA D 117 15.78 34.54 -36.44
C ALA D 117 14.49 34.93 -35.74
N VAL D 118 14.09 36.19 -35.94
CA VAL D 118 12.86 36.72 -35.37
C VAL D 118 11.97 37.19 -36.51
N TYR D 119 10.75 36.67 -36.56
CA TYR D 119 9.80 37.01 -37.60
C TYR D 119 8.56 37.64 -36.98
N GLN D 120 7.77 38.29 -37.83
CA GLN D 120 6.47 38.82 -37.44
C GLN D 120 5.40 38.15 -38.30
N LEU D 121 4.43 37.53 -37.65
CA LEU D 121 3.38 36.83 -38.37
C LEU D 121 2.28 37.80 -38.79
N ARG D 122 1.51 37.39 -39.79
CA ARG D 122 0.45 38.24 -40.31
C ARG D 122 -0.64 38.43 -39.26
N ASP D 123 -1.11 39.67 -39.12
CA ASP D 123 -2.14 39.96 -38.14
C ASP D 123 -3.45 39.28 -38.53
N SER D 124 -4.15 38.76 -37.52
CA SER D 124 -5.49 38.24 -37.75
C SER D 124 -6.46 39.39 -38.01
N LYS D 125 -7.52 39.09 -38.76
CA LYS D 125 -8.57 40.08 -38.97
C LYS D 125 -9.21 40.50 -37.66
N SER D 126 -9.32 39.57 -36.71
CA SER D 126 -9.67 39.89 -35.34
C SER D 126 -8.38 40.09 -34.54
N SER D 127 -8.53 40.50 -33.28
CA SER D 127 -7.41 40.73 -32.35
C SER D 127 -6.56 41.92 -32.78
N ASP D 128 -6.20 42.76 -31.81
CA ASP D 128 -5.34 43.92 -32.04
C ASP D 128 -3.87 43.62 -31.79
N LYS D 129 -3.49 42.34 -31.70
CA LYS D 129 -2.15 41.95 -31.31
C LYS D 129 -1.24 41.81 -32.52
N SER D 130 0.04 42.08 -32.31
CA SER D 130 1.10 41.85 -33.29
C SER D 130 2.02 40.79 -32.70
N VAL D 131 1.97 39.59 -33.26
CA VAL D 131 2.70 38.44 -32.70
C VAL D 131 4.07 38.34 -33.36
N CYS D 132 5.07 38.02 -32.55
CA CYS D 132 6.44 37.83 -33.00
C CYS D 132 6.86 36.39 -32.72
N LEU D 133 7.76 35.87 -33.55
CA LEU D 133 8.20 34.49 -33.46
C LEU D 133 9.72 34.44 -33.46
N PHE D 134 10.30 34.07 -32.32
CA PHE D 134 11.72 33.75 -32.23
C PHE D 134 11.86 32.24 -32.39
N THR D 135 12.54 31.81 -33.45
CA THR D 135 12.56 30.39 -33.80
C THR D 135 13.95 29.98 -34.26
N ASP D 136 14.17 28.66 -34.28
CA ASP D 136 15.36 28.03 -34.85
C ASP D 136 16.64 28.40 -34.10
N PHE D 137 16.56 28.61 -32.80
CA PHE D 137 17.73 28.85 -31.98
C PHE D 137 18.12 27.58 -31.23
N ASP D 138 19.34 27.57 -30.70
CA ASP D 138 19.85 26.39 -30.03
C ASP D 138 19.12 26.17 -28.70
N SER D 139 19.31 24.98 -28.14
CA SER D 139 18.67 24.62 -26.88
C SER D 139 19.33 25.25 -25.67
N GLN D 140 20.36 26.08 -25.86
CA GLN D 140 21.02 26.76 -24.75
C GLN D 140 20.66 28.24 -24.66
N THR D 141 19.81 28.74 -25.55
CA THR D 141 19.44 30.15 -25.56
C THR D 141 18.36 30.41 -24.51
N ASN D 142 18.57 31.42 -23.67
CA ASN D 142 17.60 31.76 -22.64
C ASN D 142 16.55 32.70 -23.20
N VAL D 143 15.30 32.44 -22.83
CA VAL D 143 14.16 33.28 -23.24
C VAL D 143 13.57 33.86 -21.96
N SER D 144 13.91 35.10 -21.65
CA SER D 144 13.42 35.74 -20.44
C SER D 144 11.95 36.11 -20.60
N GLN D 145 11.30 36.32 -19.46
CA GLN D 145 9.91 36.75 -19.47
C GLN D 145 9.82 38.24 -19.73
N SER D 146 8.60 38.69 -20.03
CA SER D 146 8.39 40.08 -20.42
C SER D 146 8.64 41.03 -19.25
N LYS D 147 9.40 42.09 -19.51
CA LYS D 147 9.63 43.13 -18.52
C LYS D 147 8.57 44.22 -18.56
N ASP D 148 7.79 44.29 -19.63
CA ASP D 148 6.74 45.29 -19.78
C ASP D 148 5.38 44.68 -19.46
N SER D 149 4.48 45.52 -18.92
CA SER D 149 3.19 45.02 -18.47
C SER D 149 2.27 44.69 -19.64
N ASP D 150 2.45 45.36 -20.78
CA ASP D 150 1.60 45.15 -21.95
C ASP D 150 2.21 44.20 -22.98
N VAL D 151 3.42 43.71 -22.74
CA VAL D 151 4.07 42.75 -23.61
C VAL D 151 4.01 41.38 -22.94
N TYR D 152 3.82 40.34 -23.75
CA TYR D 152 3.71 38.97 -23.26
C TYR D 152 4.65 38.08 -24.05
N ILE D 153 5.50 37.32 -23.35
CA ILE D 153 6.48 36.44 -23.97
C ILE D 153 6.31 35.05 -23.39
N THR D 154 6.24 34.05 -24.26
CA THR D 154 6.10 32.67 -23.83
C THR D 154 7.46 32.03 -23.57
N ASP D 155 7.43 30.80 -23.06
CA ASP D 155 8.65 30.06 -22.79
C ASP D 155 9.12 29.31 -24.02
N LYS D 156 10.30 28.71 -23.91
CA LYS D 156 10.88 27.92 -24.98
C LYS D 156 10.04 26.68 -25.25
N CYS D 157 9.60 26.51 -26.50
CA CYS D 157 8.75 25.40 -26.91
C CYS D 157 9.43 24.65 -28.04
N VAL D 158 9.44 23.32 -27.95
CA VAL D 158 10.11 22.46 -28.92
C VAL D 158 9.06 21.69 -29.71
N LEU D 159 9.01 21.91 -31.02
CA LEU D 159 8.16 21.15 -31.90
C LEU D 159 8.99 20.19 -32.74
N ASP D 160 8.39 19.04 -33.08
CA ASP D 160 9.08 17.99 -33.82
C ASP D 160 8.28 17.64 -35.06
N MET D 161 8.81 17.99 -36.23
CA MET D 161 8.24 17.56 -37.51
C MET D 161 8.76 16.16 -37.78
N ARG D 162 8.04 15.16 -37.27
CA ARG D 162 8.57 13.81 -37.21
C ARG D 162 8.75 13.18 -38.58
N SER D 163 7.97 13.61 -39.57
CA SER D 163 8.13 13.06 -40.93
C SER D 163 9.48 13.44 -41.51
N MET D 164 9.99 14.63 -41.20
CA MET D 164 11.29 15.09 -41.69
C MET D 164 12.38 14.96 -40.65
N ASP D 165 12.08 14.44 -39.46
CA ASP D 165 13.05 14.31 -38.37
C ASP D 165 13.70 15.66 -38.06
N PHE D 166 12.88 16.71 -38.03
CA PHE D 166 13.35 18.06 -37.80
C PHE D 166 12.73 18.61 -36.53
N LYS D 167 13.58 19.06 -35.61
CA LYS D 167 13.15 19.69 -34.37
C LYS D 167 13.61 21.14 -34.34
N SER D 168 12.79 22.01 -33.77
CA SER D 168 13.16 23.41 -33.65
C SER D 168 12.54 23.99 -32.39
N ASN D 169 13.23 24.96 -31.80
CA ASN D 169 12.74 25.68 -30.64
C ASN D 169 12.04 26.96 -31.09
N SER D 170 11.13 27.45 -30.26
CA SER D 170 10.38 28.64 -30.62
C SER D 170 9.88 29.33 -29.36
N ALA D 171 9.79 30.67 -29.44
CA ALA D 171 9.14 31.49 -28.43
C ALA D 171 8.28 32.51 -29.13
N VAL D 172 7.19 32.91 -28.47
CA VAL D 172 6.19 33.81 -29.05
C VAL D 172 6.07 35.04 -28.16
N ALA D 173 5.96 36.21 -28.79
CA ALA D 173 5.73 37.46 -28.10
C ALA D 173 4.62 38.24 -28.80
N TRP D 174 3.81 38.94 -28.02
CA TRP D 174 2.75 39.75 -28.61
C TRP D 174 2.40 40.89 -27.67
N SER D 175 1.69 41.87 -28.21
CA SER D 175 1.25 43.06 -27.49
C SER D 175 0.30 43.84 -28.38
N ASN D 176 -0.56 44.63 -27.75
CA ASN D 176 -1.43 45.55 -28.47
C ASN D 176 -0.91 46.98 -28.45
N LYS D 177 0.31 47.19 -27.96
CA LYS D 177 0.89 48.53 -27.92
C LYS D 177 1.00 49.11 -29.32
N SER D 178 0.96 50.44 -29.39
CA SER D 178 0.90 51.12 -30.68
C SER D 178 2.18 50.90 -31.49
N ASP D 179 3.33 51.17 -30.89
CA ASP D 179 4.62 51.07 -31.57
C ASP D 179 5.41 49.85 -31.12
N PHE D 180 4.74 48.73 -30.90
CA PHE D 180 5.42 47.50 -30.54
C PHE D 180 6.13 46.92 -31.75
N ALA D 181 7.41 46.61 -31.60
CA ALA D 181 8.24 46.10 -32.68
C ALA D 181 8.80 44.73 -32.32
N CYS D 182 8.89 43.84 -33.30
CA CYS D 182 9.48 42.54 -33.08
C CYS D 182 11.00 42.59 -32.99
N ALA D 183 11.62 43.69 -33.43
CA ALA D 183 13.05 43.88 -33.27
C ALA D 183 13.37 44.02 -31.78
N ASN D 184 14.05 43.01 -31.22
CA ASN D 184 14.42 42.98 -29.81
C ASN D 184 13.19 42.97 -28.90
N ALA D 185 12.09 42.36 -29.37
CA ALA D 185 10.96 42.12 -28.48
C ALA D 185 11.30 41.05 -27.45
N PHE D 186 12.17 40.11 -27.81
CA PHE D 186 12.75 39.17 -26.87
C PHE D 186 14.03 39.76 -26.30
N ASN D 187 14.68 39.02 -25.40
CA ASN D 187 15.98 39.40 -24.86
C ASN D 187 16.54 38.28 -24.00
N GLY E 1 -6.47 3.11 -18.86
CA GLY E 1 -6.79 2.14 -17.83
C GLY E 1 -7.82 2.65 -16.84
N VAL E 2 -7.39 3.58 -15.98
CA VAL E 2 -8.29 4.18 -15.00
C VAL E 2 -8.91 5.43 -15.60
N THR E 3 -10.22 5.56 -15.48
CA THR E 3 -10.97 6.72 -15.96
C THR E 3 -11.61 7.44 -14.79
N GLN E 4 -11.68 8.76 -14.90
CA GLN E 4 -12.29 9.61 -13.87
C GLN E 4 -13.19 10.62 -14.53
N THR E 5 -14.30 10.94 -13.84
CA THR E 5 -15.25 11.93 -14.32
C THR E 5 -15.72 12.77 -13.14
N PRO E 6 -15.84 14.10 -13.31
CA PRO E 6 -15.49 14.80 -14.54
C PRO E 6 -14.01 15.14 -14.63
N ARG E 7 -13.57 15.68 -15.76
CA ARG E 7 -12.18 16.07 -15.92
C ARG E 7 -11.87 17.37 -15.18
N TYR E 8 -12.72 18.38 -15.36
CA TYR E 8 -12.56 19.67 -14.70
C TYR E 8 -13.86 20.02 -13.99
N LEU E 9 -13.74 20.86 -12.96
CA LEU E 9 -14.88 21.21 -12.14
C LEU E 9 -14.66 22.59 -11.53
N ILE E 10 -15.74 23.38 -11.50
CA ILE E 10 -15.73 24.71 -10.89
C ILE E 10 -16.88 24.76 -9.88
N LYS E 11 -16.57 25.16 -8.65
CA LYS E 11 -17.56 25.22 -7.59
C LYS E 11 -17.27 26.42 -6.69
N THR E 12 -18.26 26.79 -5.88
CA THR E 12 -18.14 27.87 -4.93
C THR E 12 -18.14 27.32 -3.50
N ARG E 13 -17.82 28.19 -2.55
CA ARG E 13 -17.75 27.78 -1.15
C ARG E 13 -19.11 27.32 -0.66
N GLY E 14 -19.11 26.23 0.11
CA GLY E 14 -20.31 25.68 0.69
C GLY E 14 -20.96 24.59 -0.13
N GLN E 15 -20.62 24.47 -1.40
CA GLN E 15 -21.22 23.46 -2.27
C GLN E 15 -20.58 22.09 -2.01
N GLN E 16 -21.10 21.08 -2.70
CA GLN E 16 -20.57 19.73 -2.61
C GLN E 16 -20.34 19.18 -4.02
N VAL E 17 -19.45 18.19 -4.11
CA VAL E 17 -19.10 17.57 -5.38
C VAL E 17 -19.10 16.05 -5.20
N THR E 18 -19.29 15.35 -6.32
CA THR E 18 -19.18 13.90 -6.36
C THR E 18 -18.29 13.52 -7.53
N LEU E 19 -17.17 12.87 -7.25
CA LEU E 19 -16.20 12.47 -8.26
C LEU E 19 -16.27 10.96 -8.43
N SER E 20 -16.34 10.51 -9.67
CA SER E 20 -16.44 9.09 -9.98
C SER E 20 -15.12 8.57 -10.52
N CYS E 21 -14.92 7.26 -10.36
CA CYS E 21 -13.69 6.62 -10.84
C CYS E 21 -14.01 5.18 -11.23
N SER E 22 -13.50 4.77 -12.39
CA SER E 22 -13.61 3.39 -12.84
C SER E 22 -12.23 2.76 -12.85
N PRO E 23 -11.99 1.74 -12.03
CA PRO E 23 -10.65 1.13 -11.98
C PRO E 23 -10.35 0.35 -13.25
N ILE E 24 -9.10 -0.10 -13.34
CA ILE E 24 -8.72 -1.01 -14.42
C ILE E 24 -9.54 -2.29 -14.30
N SER E 25 -9.97 -2.82 -15.45
CA SER E 25 -10.82 -4.00 -15.47
C SER E 25 -10.15 -5.15 -14.73
N GLY E 26 -10.82 -5.68 -13.71
CA GLY E 26 -10.31 -6.74 -12.89
C GLY E 26 -9.72 -6.29 -11.56
N HIS E 27 -9.40 -5.01 -11.43
CA HIS E 27 -8.84 -4.50 -10.19
C HIS E 27 -9.93 -4.35 -9.13
N ARG E 28 -9.57 -4.63 -7.88
CA ARG E 28 -10.52 -4.61 -6.78
C ARG E 28 -10.30 -3.48 -5.79
N SER E 29 -9.13 -2.85 -5.79
CA SER E 29 -8.78 -1.82 -4.83
C SER E 29 -8.74 -0.47 -5.53
N VAL E 30 -9.36 0.53 -4.91
CA VAL E 30 -9.41 1.89 -5.44
C VAL E 30 -8.95 2.84 -4.34
N SER E 31 -7.92 3.63 -4.64
CA SER E 31 -7.39 4.62 -3.71
C SER E 31 -7.66 6.02 -4.23
N TRP E 32 -7.93 6.95 -3.30
CA TRP E 32 -8.17 8.35 -3.62
C TRP E 32 -7.09 9.20 -2.98
N TYR E 33 -6.50 10.09 -3.77
CA TYR E 33 -5.48 11.01 -3.29
C TYR E 33 -5.88 12.44 -3.65
N GLN E 34 -5.30 13.39 -2.92
CA GLN E 34 -5.42 14.81 -3.22
C GLN E 34 -4.02 15.35 -3.50
N GLN E 35 -3.85 15.97 -4.65
CA GLN E 35 -2.54 16.49 -5.06
C GLN E 35 -2.62 18.01 -5.15
N THR E 36 -1.72 18.69 -4.44
CA THR E 36 -1.61 20.14 -4.42
C THR E 36 -0.14 20.51 -4.59
N PRO E 37 0.13 21.72 -5.10
CA PRO E 37 1.54 22.17 -5.13
C PRO E 37 2.13 22.36 -3.75
N GLY E 38 1.32 22.72 -2.76
CA GLY E 38 1.82 22.98 -1.43
C GLY E 38 2.01 21.75 -0.57
N GLN E 39 1.00 20.89 -0.51
CA GLN E 39 1.03 19.72 0.36
C GLN E 39 1.42 18.44 -0.35
N GLY E 40 1.51 18.44 -1.67
CA GLY E 40 1.90 17.24 -2.39
C GLY E 40 0.75 16.26 -2.52
N LEU E 41 1.09 14.97 -2.51
CA LEU E 41 0.14 13.89 -2.71
C LEU E 41 -0.33 13.38 -1.35
N GLN E 42 -1.56 13.72 -0.97
CA GLN E 42 -2.11 13.39 0.33
C GLN E 42 -3.18 12.31 0.18
N PHE E 43 -3.10 11.28 1.00
CA PHE E 43 -3.97 10.12 0.90
C PHE E 43 -5.31 10.39 1.58
N LEU E 44 -6.39 9.99 0.90
CA LEU E 44 -7.74 10.13 1.46
C LEU E 44 -8.21 8.80 2.05
N PHE E 45 -8.56 7.85 1.18
CA PHE E 45 -9.06 6.56 1.63
C PHE E 45 -8.91 5.55 0.51
N GLU E 46 -8.94 4.27 0.90
CA GLU E 46 -8.82 3.16 -0.04
C GLU E 46 -9.94 2.17 0.22
N TYR E 47 -10.54 1.67 -0.86
CA TYR E 47 -11.72 0.82 -0.79
C TYR E 47 -11.45 -0.52 -1.46
N PHE E 48 -11.99 -1.58 -0.86
CA PHE E 48 -11.88 -2.93 -1.40
C PHE E 48 -13.13 -3.70 -0.99
N SER E 49 -13.74 -4.39 -1.96
CA SER E 49 -14.95 -5.17 -1.72
C SER E 49 -16.04 -4.33 -1.09
N GLU E 50 -16.30 -3.17 -1.70
CA GLU E 50 -17.39 -2.27 -1.32
C GLU E 50 -17.25 -1.77 0.13
N THR E 51 -16.03 -1.69 0.63
CA THR E 51 -15.82 -1.27 2.01
C THR E 51 -14.51 -0.51 2.12
N GLN E 52 -14.50 0.53 2.95
CA GLN E 52 -13.28 1.30 3.18
C GLN E 52 -12.29 0.47 4.00
N ARG E 53 -11.11 0.24 3.45
CA ARG E 53 -10.10 -0.59 4.11
C ARG E 53 -9.00 0.23 4.76
N ASN E 54 -8.61 1.36 4.17
CA ASN E 54 -7.59 2.22 4.73
C ASN E 54 -8.08 3.67 4.71
N LYS E 55 -7.77 4.41 5.77
CA LYS E 55 -8.30 5.75 5.97
C LYS E 55 -7.16 6.74 6.17
N GLY E 56 -7.29 7.92 5.57
CA GLY E 56 -6.34 9.01 5.74
C GLY E 56 -6.71 9.91 6.91
N ASN E 57 -6.26 11.17 6.81
CA ASN E 57 -6.45 12.13 7.90
C ASN E 57 -7.35 13.30 7.50
N PHE E 58 -8.13 13.15 6.45
CA PHE E 58 -9.03 14.22 6.04
C PHE E 58 -10.28 14.23 6.91
N PRO E 59 -10.93 15.39 7.05
CA PRO E 59 -12.12 15.47 7.92
C PRO E 59 -13.27 14.65 7.37
N GLY E 60 -14.33 14.57 8.18
CA GLY E 60 -15.49 13.76 7.83
C GLY E 60 -16.23 14.22 6.59
N ARG E 61 -16.05 15.47 6.19
CA ARG E 61 -16.72 15.96 4.98
C ARG E 61 -16.15 15.33 3.72
N PHE E 62 -14.99 14.68 3.80
CA PHE E 62 -14.45 13.88 2.71
C PHE E 62 -14.89 12.44 2.92
N SER E 63 -15.77 11.94 2.05
CA SER E 63 -16.28 10.59 2.15
C SER E 63 -16.23 9.91 0.79
N GLY E 64 -16.19 8.58 0.81
CA GLY E 64 -16.11 7.79 -0.40
C GLY E 64 -17.00 6.57 -0.31
N ARG E 65 -17.05 5.83 -1.42
CA ARG E 65 -17.88 4.65 -1.52
C ARG E 65 -17.44 3.85 -2.74
N GLN E 66 -17.54 2.52 -2.64
CA GLN E 66 -17.24 1.62 -3.74
C GLN E 66 -18.44 0.73 -4.00
N PHE E 67 -18.70 0.45 -5.26
CA PHE E 67 -19.87 -0.31 -5.68
C PHE E 67 -19.48 -1.74 -6.01
N SER E 68 -20.47 -2.52 -6.47
CA SER E 68 -20.26 -3.94 -6.72
C SER E 68 -19.26 -4.17 -7.85
N ASN E 69 -19.31 -3.34 -8.90
CA ASN E 69 -18.40 -3.45 -10.02
C ASN E 69 -17.05 -2.77 -9.78
N SER E 70 -16.72 -2.50 -8.53
CA SER E 70 -15.48 -1.88 -8.06
C SER E 70 -15.36 -0.41 -8.44
N ARG E 71 -16.32 0.15 -9.17
CA ARG E 71 -16.33 1.58 -9.40
C ARG E 71 -16.50 2.33 -8.08
N SER E 72 -15.86 3.48 -7.97
CA SER E 72 -15.81 4.22 -6.71
C SER E 72 -16.23 5.67 -6.95
N GLU E 73 -16.89 6.22 -5.94
CA GLU E 73 -17.27 7.64 -5.92
C GLU E 73 -16.67 8.31 -4.68
N MET E 74 -16.48 9.62 -4.79
CA MET E 74 -15.91 10.40 -3.72
C MET E 74 -16.70 11.69 -3.57
N ASN E 75 -17.05 12.04 -2.34
CA ASN E 75 -17.87 13.22 -2.06
C ASN E 75 -17.13 14.16 -1.12
N VAL E 76 -17.16 15.45 -1.45
CA VAL E 76 -16.64 16.51 -0.59
C VAL E 76 -17.76 17.49 -0.34
N SER E 77 -18.16 17.65 0.92
CA SER E 77 -19.23 18.57 1.28
C SER E 77 -18.66 19.85 1.86
N THR E 78 -19.53 20.88 1.93
CA THR E 78 -19.21 22.25 2.31
C THR E 78 -17.80 22.64 1.87
N LEU E 79 -17.62 22.74 0.56
CA LEU E 79 -16.29 22.96 -0.02
C LEU E 79 -15.67 24.24 0.48
N GLU E 80 -14.33 24.24 0.55
CA GLU E 80 -13.54 25.37 0.98
C GLU E 80 -12.53 25.72 -0.11
N LEU E 81 -12.01 26.95 -0.04
CA LEU E 81 -11.06 27.41 -1.05
C LEU E 81 -9.82 26.52 -1.08
N GLY E 82 -9.37 26.05 0.09
CA GLY E 82 -8.22 25.18 0.16
C GLY E 82 -8.44 23.78 -0.38
N ASP E 83 -9.67 23.44 -0.78
CA ASP E 83 -9.96 22.15 -1.37
C ASP E 83 -9.67 22.10 -2.87
N SER E 84 -9.30 23.22 -3.48
CA SER E 84 -8.91 23.22 -4.88
C SER E 84 -7.66 22.38 -5.08
N ALA E 85 -7.77 21.33 -5.89
CA ALA E 85 -6.67 20.39 -6.08
C ALA E 85 -6.99 19.47 -7.26
N LEU E 86 -6.03 18.60 -7.57
CA LEU E 86 -6.22 17.50 -8.50
C LEU E 86 -6.52 16.26 -7.68
N TYR E 87 -7.74 15.74 -7.79
CA TYR E 87 -8.16 14.57 -7.04
C TYR E 87 -7.90 13.32 -7.88
N LEU E 88 -6.91 12.55 -7.49
CA LEU E 88 -6.46 11.39 -8.25
C LEU E 88 -7.07 10.11 -7.73
N CYS E 89 -7.31 9.18 -8.65
CA CYS E 89 -7.80 7.84 -8.34
C CYS E 89 -6.76 6.84 -8.79
N ALA E 90 -6.42 5.89 -7.91
CA ALA E 90 -5.43 4.87 -8.20
C ALA E 90 -6.05 3.50 -7.98
N SER E 91 -5.96 2.64 -9.00
CA SER E 91 -6.50 1.30 -8.90
C SER E 91 -5.38 0.28 -8.73
N SER E 92 -5.69 -0.76 -7.97
CA SER E 92 -4.78 -1.88 -7.75
C SER E 92 -5.59 -3.17 -7.78
N LEU E 93 -4.93 -4.26 -8.16
CA LEU E 93 -5.61 -5.55 -8.17
C LEU E 93 -6.15 -5.88 -6.79
N GLU E 94 -5.34 -5.66 -5.74
CA GLU E 94 -5.79 -5.82 -4.37
C GLU E 94 -4.83 -5.09 -3.42
N ARG E 95 -3.53 -5.28 -3.62
CA ARG E 95 -2.55 -4.67 -2.73
C ARG E 95 -1.26 -4.29 -3.44
N GLU E 96 -1.11 -4.55 -4.74
CA GLU E 96 0.16 -4.37 -5.43
C GLU E 96 0.25 -3.01 -6.11
N THR E 97 0.77 -2.99 -7.33
CA THR E 97 1.07 -1.74 -8.02
C THR E 97 -0.20 -0.92 -8.25
N GLN E 98 -0.15 0.35 -7.88
CA GLN E 98 -1.26 1.27 -8.05
C GLN E 98 -1.09 2.06 -9.35
N TYR E 99 -2.15 2.08 -10.16
CA TYR E 99 -2.16 2.80 -11.43
C TYR E 99 -3.13 3.98 -11.31
N PHE E 100 -2.61 5.18 -11.52
CA PHE E 100 -3.40 6.39 -11.33
C PHE E 100 -4.19 6.75 -12.58
N GLY E 101 -5.32 7.42 -12.37
CA GLY E 101 -6.12 7.94 -13.45
C GLY E 101 -5.74 9.36 -13.79
N PRO E 102 -6.45 9.97 -14.74
CA PRO E 102 -6.12 11.35 -15.13
C PRO E 102 -6.40 12.36 -14.02
N GLY E 103 -7.38 12.11 -13.17
CA GLY E 103 -7.71 13.01 -12.08
C GLY E 103 -8.77 14.02 -12.46
N THR E 104 -9.42 14.56 -11.43
CA THR E 104 -10.39 15.64 -11.59
C THR E 104 -9.77 16.91 -11.01
N ARG E 105 -9.63 17.94 -11.84
CA ARG E 105 -9.08 19.22 -11.40
C ARG E 105 -10.22 20.07 -10.87
N LEU E 106 -10.29 20.21 -9.55
CA LEU E 106 -11.34 20.96 -8.89
C LEU E 106 -10.81 22.34 -8.48
N LEU E 107 -11.59 23.38 -8.78
CA LEU E 107 -11.29 24.74 -8.36
C LEU E 107 -12.47 25.28 -7.59
N VAL E 108 -12.24 25.71 -6.36
CA VAL E 108 -13.26 26.31 -5.51
C VAL E 108 -13.02 27.82 -5.46
N LEU E 109 -14.05 28.59 -5.79
CA LEU E 109 -13.96 30.04 -5.85
C LEU E 109 -14.97 30.66 -4.88
N GLU E 110 -14.78 31.95 -4.60
CA GLU E 110 -15.75 32.68 -3.79
C GLU E 110 -16.98 33.06 -4.61
N ASP E 111 -16.81 33.24 -5.92
CA ASP E 111 -17.91 33.57 -6.82
C ASP E 111 -17.49 33.19 -8.23
N LEU E 112 -18.49 33.10 -9.11
CA LEU E 112 -18.27 32.75 -10.51
C LEU E 112 -18.15 33.97 -11.41
N LYS E 113 -18.06 35.17 -10.84
CA LYS E 113 -18.08 36.41 -11.62
C LYS E 113 -16.82 36.61 -12.47
N ASN E 114 -15.75 35.88 -12.22
CA ASN E 114 -14.48 36.08 -12.91
C ASN E 114 -14.20 34.99 -13.94
N VAL E 115 -15.19 34.16 -14.28
CA VAL E 115 -15.00 33.08 -15.24
C VAL E 115 -15.25 33.63 -16.65
N PHE E 116 -14.27 33.45 -17.53
CA PHE E 116 -14.35 33.93 -18.89
C PHE E 116 -13.93 32.86 -19.88
N PRO E 117 -14.64 32.71 -20.99
CA PRO E 117 -14.17 31.84 -22.06
C PRO E 117 -13.02 32.48 -22.80
N PRO E 118 -12.20 31.70 -23.50
CA PRO E 118 -11.07 32.29 -24.22
C PRO E 118 -11.48 32.92 -25.54
N GLU E 119 -10.66 33.85 -25.99
CA GLU E 119 -10.70 34.34 -27.36
C GLU E 119 -9.55 33.71 -28.14
N VAL E 120 -9.88 33.12 -29.28
CA VAL E 120 -8.91 32.34 -30.07
C VAL E 120 -8.69 33.06 -31.39
N ALA E 121 -7.43 33.23 -31.76
CA ALA E 121 -7.06 33.84 -33.02
C ALA E 121 -5.87 33.08 -33.61
N VAL E 122 -5.86 32.97 -34.94
CA VAL E 122 -4.78 32.32 -35.67
C VAL E 122 -4.03 33.38 -36.46
N PHE E 123 -2.70 33.31 -36.41
CA PHE E 123 -1.83 34.26 -37.10
C PHE E 123 -1.08 33.51 -38.19
N GLU E 124 -1.22 33.97 -39.43
CA GLU E 124 -0.67 33.24 -40.57
C GLU E 124 0.85 33.38 -40.61
N PRO E 125 1.54 32.41 -41.24
CA PRO E 125 3.00 32.42 -41.23
C PRO E 125 3.58 33.68 -41.85
N SER E 126 4.84 33.94 -41.52
CA SER E 126 5.57 35.07 -42.06
C SER E 126 6.11 34.73 -43.44
N GLU E 127 5.92 35.64 -44.41
CA GLU E 127 6.49 35.45 -45.73
C GLU E 127 8.02 35.42 -45.68
N ALA E 128 8.61 36.01 -44.64
CA ALA E 128 10.06 35.99 -44.52
C ALA E 128 10.57 34.63 -44.09
N GLU E 129 9.84 33.95 -43.20
CA GLU E 129 10.26 32.62 -42.77
C GLU E 129 10.11 31.60 -43.90
N ILE E 130 9.07 31.75 -44.73
CA ILE E 130 8.85 30.82 -45.84
C ILE E 130 10.02 30.86 -46.81
N SER E 131 10.45 32.07 -47.19
CA SER E 131 11.51 32.19 -48.18
C SER E 131 12.89 31.89 -47.61
N HIS E 132 13.05 31.91 -46.28
CA HIS E 132 14.34 31.68 -45.65
C HIS E 132 14.53 30.25 -45.16
N THR E 133 13.46 29.58 -44.73
CA THR E 133 13.56 28.24 -44.18
C THR E 133 12.76 27.19 -44.94
N GLN E 134 11.95 27.59 -45.92
CA GLN E 134 11.05 26.69 -46.65
C GLN E 134 10.04 26.02 -45.73
N LYS E 135 9.81 26.60 -44.55
CA LYS E 135 8.80 26.10 -43.63
C LYS E 135 7.89 27.27 -43.24
N ALA E 136 6.71 26.92 -42.74
CA ALA E 136 5.70 27.92 -42.36
C ALA E 136 5.19 27.60 -40.97
N THR E 137 5.31 28.56 -40.06
CA THR E 137 4.87 28.39 -38.67
C THR E 137 3.60 29.21 -38.46
N LEU E 138 2.51 28.53 -38.12
CA LEU E 138 1.28 29.19 -37.71
C LEU E 138 1.25 29.26 -36.19
N VAL E 139 0.76 30.37 -35.66
CA VAL E 139 0.68 30.60 -34.22
C VAL E 139 -0.77 30.82 -33.83
N CYS E 140 -1.21 30.08 -32.82
CA CYS E 140 -2.55 30.23 -32.26
C CYS E 140 -2.44 30.88 -30.89
N LEU E 141 -3.38 31.77 -30.59
CA LEU E 141 -3.38 32.53 -29.34
C LEU E 141 -4.75 32.43 -28.69
N ALA E 142 -4.80 31.81 -27.51
CA ALA E 142 -6.01 31.77 -26.69
C ALA E 142 -5.76 32.68 -25.49
N THR E 143 -6.47 33.80 -25.43
CA THR E 143 -6.23 34.81 -24.42
C THR E 143 -7.49 35.11 -23.62
N GLY E 144 -7.29 35.61 -22.42
CA GLY E 144 -8.36 36.13 -21.59
C GLY E 144 -9.35 35.10 -21.06
N PHE E 145 -8.87 33.94 -20.62
CA PHE E 145 -9.74 32.91 -20.09
C PHE E 145 -9.42 32.65 -18.62
N PHE E 146 -10.42 32.19 -17.88
CA PHE E 146 -10.30 31.84 -16.47
C PHE E 146 -11.43 30.90 -16.12
N PRO E 147 -11.16 29.76 -15.47
CA PRO E 147 -9.82 29.34 -15.04
C PRO E 147 -8.99 28.70 -16.14
N ASP E 148 -7.88 28.08 -15.75
CA ASP E 148 -6.99 27.42 -16.70
C ASP E 148 -7.46 25.99 -16.99
N HIS E 149 -8.72 25.85 -17.38
CA HIS E 149 -9.29 24.55 -17.71
C HIS E 149 -9.57 24.50 -19.22
N VAL E 150 -8.50 24.38 -20.00
CA VAL E 150 -8.58 24.43 -21.45
C VAL E 150 -7.77 23.28 -22.05
N GLU E 151 -8.16 22.89 -23.26
CA GLU E 151 -7.43 21.88 -24.03
C GLU E 151 -7.36 22.37 -25.47
N LEU E 152 -6.16 22.72 -25.92
CA LEU E 152 -5.93 23.22 -27.26
C LEU E 152 -5.48 22.09 -28.18
N SER E 153 -5.98 22.11 -29.42
CA SER E 153 -5.60 21.13 -30.41
C SER E 153 -5.66 21.76 -31.79
N TRP E 154 -4.86 21.21 -32.71
CA TRP E 154 -4.82 21.65 -34.09
C TRP E 154 -5.53 20.64 -34.98
N TRP E 155 -6.18 21.14 -36.02
CA TRP E 155 -6.93 20.31 -36.97
C TRP E 155 -6.59 20.75 -38.38
N VAL E 156 -6.01 19.84 -39.15
CA VAL E 156 -5.64 20.09 -40.53
C VAL E 156 -6.46 19.17 -41.42
N ASN E 157 -7.32 19.77 -42.25
CA ASN E 157 -8.18 19.03 -43.18
C ASN E 157 -9.04 18.01 -42.46
N GLY E 158 -9.61 18.40 -41.33
CA GLY E 158 -10.53 17.57 -40.59
C GLY E 158 -9.91 16.59 -39.62
N LYS E 159 -8.60 16.40 -39.66
CA LYS E 159 -7.92 15.45 -38.80
C LYS E 159 -7.04 16.20 -37.80
N GLU E 160 -7.09 15.78 -36.54
CA GLU E 160 -6.22 16.36 -35.53
C GLU E 160 -4.78 15.94 -35.77
N VAL E 161 -3.85 16.89 -35.60
CA VAL E 161 -2.45 16.64 -35.85
C VAL E 161 -1.67 16.84 -34.55
N HIS E 162 -0.51 16.19 -34.48
CA HIS E 162 0.38 16.34 -33.35
C HIS E 162 1.80 16.63 -33.82
N SER E 163 2.13 16.20 -35.04
CA SER E 163 3.46 16.44 -35.59
C SER E 163 3.62 17.90 -35.95
N GLY E 164 4.76 18.48 -35.56
CA GLY E 164 5.00 19.89 -35.81
C GLY E 164 4.17 20.83 -34.97
N VAL E 165 3.68 20.39 -33.82
CA VAL E 165 2.83 21.19 -32.95
C VAL E 165 3.53 21.36 -31.61
N CYS E 166 3.50 22.58 -31.06
CA CYS E 166 4.04 22.85 -29.73
C CYS E 166 3.11 23.80 -29.01
N THR E 167 2.40 23.30 -28.00
CA THR E 167 1.56 24.10 -27.14
C THR E 167 2.30 24.36 -25.83
N ASP E 168 2.18 25.58 -25.33
CA ASP E 168 2.85 25.94 -24.08
C ASP E 168 2.38 25.04 -22.96
N PRO E 169 3.29 24.47 -22.16
CA PRO E 169 2.85 23.58 -21.07
C PRO E 169 2.11 24.30 -19.97
N GLN E 170 2.49 25.54 -19.66
CA GLN E 170 1.84 26.32 -18.61
C GLN E 170 1.42 27.67 -19.19
N PRO E 171 0.16 28.05 -19.10
CA PRO E 171 -0.25 29.38 -19.55
C PRO E 171 0.28 30.47 -18.62
N LEU E 172 0.41 31.67 -19.18
CA LEU E 172 0.87 32.82 -18.42
C LEU E 172 -0.32 33.67 -18.00
N LYS E 173 -0.14 34.40 -16.89
CA LYS E 173 -1.17 35.29 -16.37
C LYS E 173 -1.04 36.65 -17.04
N GLU E 174 -2.16 37.15 -17.57
CA GLU E 174 -2.15 38.44 -18.25
C GLU E 174 -1.87 39.59 -17.30
N GLN E 175 -2.27 39.46 -16.04
CA GLN E 175 -2.01 40.46 -15.00
C GLN E 175 -1.47 39.74 -13.78
N PRO E 176 -0.18 39.40 -13.78
CA PRO E 176 0.37 38.58 -12.69
C PRO E 176 0.24 39.20 -11.31
N ALA E 177 0.06 40.51 -11.21
CA ALA E 177 -0.09 41.17 -9.92
C ALA E 177 -1.46 40.96 -9.30
N LEU E 178 -2.33 40.14 -9.90
CA LEU E 178 -3.66 39.88 -9.40
C LEU E 178 -3.86 38.38 -9.22
N ASN E 179 -4.67 38.02 -8.21
CA ASN E 179 -4.98 36.62 -7.96
C ASN E 179 -6.13 36.12 -8.83
N ASP E 180 -7.00 37.02 -9.29
CA ASP E 180 -8.08 36.69 -10.21
C ASP E 180 -7.70 36.96 -11.66
N SER E 181 -6.44 36.76 -12.02
CA SER E 181 -5.93 37.12 -13.34
C SER E 181 -6.31 36.07 -14.37
N ARG E 182 -6.67 36.54 -15.56
CA ARG E 182 -6.94 35.64 -16.67
C ARG E 182 -5.64 35.07 -17.21
N TYR E 183 -5.77 34.09 -18.10
CA TYR E 183 -4.64 33.37 -18.63
C TYR E 183 -4.56 33.52 -20.15
N ALA E 184 -3.38 33.22 -20.69
CA ALA E 184 -3.13 33.22 -22.12
C ALA E 184 -2.29 32.01 -22.47
N LEU E 185 -2.62 31.37 -23.60
CA LEU E 185 -1.94 30.17 -24.05
C LEU E 185 -1.57 30.32 -25.51
N SER E 186 -0.39 29.83 -25.87
CA SER E 186 0.12 29.92 -27.24
C SER E 186 0.45 28.53 -27.75
N SER E 187 0.20 28.30 -29.04
CA SER E 187 0.54 27.05 -29.69
C SER E 187 1.06 27.35 -31.09
N ARG E 188 1.97 26.50 -31.55
CA ARG E 188 2.61 26.66 -32.84
C ARG E 188 2.39 25.42 -33.69
N LEU E 189 2.05 25.64 -34.96
CA LEU E 189 1.95 24.57 -35.96
C LEU E 189 2.90 24.92 -37.10
N ARG E 190 3.92 24.09 -37.29
CA ARG E 190 4.91 24.31 -38.34
C ARG E 190 4.78 23.23 -39.40
N VAL E 191 4.52 23.66 -40.64
CA VAL E 191 4.43 22.76 -41.78
C VAL E 191 5.40 23.23 -42.84
N SER E 192 5.52 22.44 -43.91
CA SER E 192 6.36 22.85 -45.03
C SER E 192 5.73 24.02 -45.77
N ALA E 193 6.57 24.79 -46.46
CA ALA E 193 6.08 25.94 -47.21
C ALA E 193 5.08 25.52 -48.28
N THR E 194 5.38 24.43 -49.00
CA THR E 194 4.50 23.99 -50.08
C THR E 194 3.16 23.51 -49.54
N PHE E 195 3.13 22.96 -48.32
CA PHE E 195 1.86 22.56 -47.74
C PHE E 195 1.02 23.77 -47.36
N TRP E 196 1.65 24.81 -46.82
CA TRP E 196 0.92 26.01 -46.45
C TRP E 196 0.49 26.81 -47.68
N GLN E 197 1.31 26.82 -48.72
CA GLN E 197 1.03 27.59 -49.93
C GLN E 197 -0.04 26.94 -50.82
N ASN E 198 -0.71 25.91 -50.33
CA ASN E 198 -1.76 25.25 -51.10
C ASN E 198 -3.11 25.67 -50.55
N PRO E 199 -3.92 26.41 -51.32
CA PRO E 199 -5.22 26.87 -50.80
C PRO E 199 -6.19 25.74 -50.47
N ARG E 200 -5.93 24.51 -50.92
CA ARG E 200 -6.79 23.39 -50.61
C ARG E 200 -6.66 22.90 -49.18
N ASN E 201 -5.60 23.29 -48.47
CA ASN E 201 -5.37 22.85 -47.09
C ASN E 201 -6.06 23.79 -46.11
N HIS E 202 -6.74 23.21 -45.13
CA HIS E 202 -7.50 23.96 -44.13
C HIS E 202 -6.87 23.75 -42.77
N PHE E 203 -6.68 24.84 -42.02
CA PHE E 203 -6.03 24.82 -40.73
C PHE E 203 -6.99 25.39 -39.68
N ARG E 204 -7.16 24.67 -38.58
CA ARG E 204 -8.05 25.10 -37.51
C ARG E 204 -7.38 24.91 -36.16
N CYS E 205 -7.42 25.96 -35.34
CA CYS E 205 -6.99 25.88 -33.95
C CYS E 205 -8.24 25.86 -33.07
N GLN E 206 -8.40 24.81 -32.28
CA GLN E 206 -9.57 24.61 -31.46
C GLN E 206 -9.18 24.58 -29.99
N VAL E 207 -9.91 25.33 -29.17
CA VAL E 207 -9.69 25.38 -27.72
C VAL E 207 -10.98 24.96 -27.05
N GLN E 208 -10.92 23.88 -26.27
CA GLN E 208 -12.07 23.40 -25.50
C GLN E 208 -12.01 24.01 -24.11
N PHE E 209 -12.97 24.88 -23.81
CA PHE E 209 -13.03 25.55 -22.51
C PHE E 209 -14.05 24.83 -21.62
N TYR E 210 -13.66 24.57 -20.39
CA TYR E 210 -14.54 23.95 -19.39
C TYR E 210 -14.96 25.02 -18.40
N GLY E 211 -16.23 25.41 -18.45
CA GLY E 211 -16.74 26.46 -17.58
C GLY E 211 -17.92 26.05 -16.72
N LEU E 212 -18.92 26.91 -16.65
CA LEU E 212 -20.06 26.67 -15.80
C LEU E 212 -21.03 25.69 -16.44
N SER E 213 -21.80 25.02 -15.59
CA SER E 213 -22.83 24.10 -16.06
C SER E 213 -24.15 24.84 -16.23
N GLU E 214 -25.20 24.10 -16.59
CA GLU E 214 -26.51 24.71 -16.76
C GLU E 214 -27.19 25.00 -15.42
N ASN E 215 -26.71 24.39 -14.33
CA ASN E 215 -27.32 24.59 -13.02
C ASN E 215 -26.74 25.79 -12.28
N ASP E 216 -25.60 26.32 -12.71
CA ASP E 216 -24.99 27.44 -12.02
C ASP E 216 -25.77 28.72 -12.28
N GLU E 217 -26.03 29.48 -11.22
CA GLU E 217 -26.75 30.74 -11.36
C GLU E 217 -25.84 31.79 -11.99
N TRP E 218 -26.43 32.63 -12.84
CA TRP E 218 -25.70 33.67 -13.55
C TRP E 218 -26.56 34.91 -13.65
N THR E 219 -26.02 36.05 -13.19
CA THR E 219 -26.75 37.31 -13.18
C THR E 219 -26.07 38.43 -13.94
N GLN E 220 -24.78 38.28 -14.28
CA GLN E 220 -24.07 39.36 -14.95
C GLN E 220 -24.56 39.54 -16.39
N ASP E 221 -24.27 40.70 -16.96
CA ASP E 221 -24.81 41.06 -18.26
C ASP E 221 -24.21 40.23 -19.38
N ARG E 222 -22.93 39.85 -19.27
CA ARG E 222 -22.28 39.12 -20.34
C ARG E 222 -22.83 37.70 -20.44
N ALA E 223 -22.52 37.04 -21.55
CA ALA E 223 -22.98 35.69 -21.78
C ALA E 223 -22.40 34.74 -20.73
N LYS E 224 -23.21 33.78 -20.32
CA LYS E 224 -22.82 32.81 -19.31
C LYS E 224 -21.62 32.00 -19.79
N PRO E 225 -20.50 31.99 -19.07
CA PRO E 225 -19.28 31.28 -19.53
C PRO E 225 -19.40 29.77 -19.36
N VAL E 226 -20.32 29.16 -20.11
CA VAL E 226 -20.55 27.73 -20.05
C VAL E 226 -19.45 26.99 -20.78
N THR E 227 -19.38 25.68 -20.59
CA THR E 227 -18.43 24.85 -21.31
C THR E 227 -18.68 24.95 -22.81
N GLN E 228 -17.66 25.37 -23.55
CA GLN E 228 -17.83 25.67 -24.96
C GLN E 228 -16.51 25.43 -25.69
N ILE E 229 -16.58 25.51 -27.01
CA ILE E 229 -15.42 25.39 -27.89
C ILE E 229 -15.27 26.70 -28.64
N VAL E 230 -14.08 27.29 -28.57
CA VAL E 230 -13.73 28.49 -29.31
C VAL E 230 -12.62 28.13 -30.28
N SER E 231 -12.73 28.60 -31.52
CA SER E 231 -11.81 28.20 -32.57
C SER E 231 -11.53 29.38 -33.50
N ALA E 232 -10.43 29.23 -34.25
CA ALA E 232 -10.05 30.17 -35.30
C ALA E 232 -9.43 29.36 -36.43
N GLU E 233 -9.69 29.78 -37.67
CA GLU E 233 -9.32 29.00 -38.84
C GLU E 233 -8.57 29.86 -39.84
N ALA E 234 -7.96 29.18 -40.81
CA ALA E 234 -7.24 29.85 -41.88
C ALA E 234 -7.05 28.86 -43.03
N TRP E 235 -7.26 29.33 -44.25
CA TRP E 235 -6.92 28.58 -45.44
C TRP E 235 -5.47 28.88 -45.82
N GLY E 236 -4.85 27.93 -46.51
CA GLY E 236 -3.57 28.20 -47.12
C GLY E 236 -3.69 29.20 -48.25
N ARG E 237 -2.58 29.88 -48.53
CA ARG E 237 -2.56 30.88 -49.58
C ARG E 237 -1.30 30.74 -50.42
N ALA E 238 -1.45 30.85 -51.73
CA ALA E 238 -0.33 30.77 -52.65
C ALA E 238 0.34 32.13 -52.81
C1 NAG F . -20.98 -16.49 25.99
C2 NAG F . -21.99 -17.35 25.27
C3 NAG F . -23.19 -16.51 24.87
C4 NAG F . -23.95 -16.10 26.12
C5 NAG F . -23.00 -15.56 27.19
C6 NAG F . -22.90 -16.44 28.42
C7 NAG F . -21.05 -19.27 24.06
C8 NAG F . -20.44 -19.76 22.78
N2 NAG F . -21.40 -17.98 24.09
O3 NAG F . -24.03 -17.26 24.01
O4 NAG F . -24.90 -15.10 25.80
O5 NAG F . -21.66 -15.38 26.70
O6 NAG F . -23.27 -15.74 29.60
O7 NAG F . -21.22 -20.01 25.02
C1 GOL G . -1.49 -26.90 22.00
O1 GOL G . -1.62 -27.73 20.88
C2 GOL G . -2.00 -27.69 23.21
O2 GOL G . -1.41 -28.95 23.29
C3 GOL G . -1.66 -26.82 24.44
O3 GOL G . -0.33 -27.08 24.76
C1 NAG H . 21.86 -28.90 9.01
C2 NAG H . 22.36 -29.48 7.71
C3 NAG H . 22.98 -30.82 7.98
C4 NAG H . 24.20 -30.68 8.88
C5 NAG H . 24.24 -29.38 9.71
C6 NAG H . 25.19 -28.34 9.17
C7 NAG H . 21.05 -28.72 5.77
C8 NAG H . 19.90 -29.00 4.86
N2 NAG H . 21.28 -29.60 6.74
O3 NAG H . 23.36 -31.42 6.75
O4 NAG H . 24.30 -31.79 9.76
O5 NAG H . 22.97 -28.73 9.94
O6 NAG H . 24.95 -27.06 9.74
O7 NAG H . 21.76 -27.71 5.64
C1 GOL I . 17.24 -6.41 6.55
O1 GOL I . 16.49 -5.23 6.43
C2 GOL I . 16.99 -7.23 5.27
O2 GOL I . 18.10 -7.27 4.44
C3 GOL I . 16.57 -8.64 5.76
O3 GOL I . 15.64 -9.12 4.84
C1 GOL J . -5.49 43.93 -39.02
O1 GOL J . -5.80 42.72 -39.65
C2 GOL J . -5.39 43.62 -37.51
O2 GOL J . -6.62 43.27 -36.97
C3 GOL J . -4.81 44.91 -36.88
O3 GOL J . -4.37 44.57 -35.60
P PO4 K . 7.41 -4.62 -13.87
O1 PO4 K . 8.14 -4.22 -12.61
O2 PO4 K . 6.61 -5.87 -13.61
O3 PO4 K . 8.41 -4.89 -14.96
O4 PO4 K . 6.48 -3.50 -14.28
P PO4 L . 9.40 1.87 8.00
O1 PO4 L . 8.12 1.27 8.54
O2 PO4 L . 9.88 2.95 8.94
O3 PO4 L . 10.45 0.80 7.88
O4 PO4 L . 9.13 2.47 6.64
P PO4 M . 17.50 19.33 -35.35
O1 PO4 M . 17.18 18.96 -33.91
O2 PO4 M . 18.91 18.91 -35.68
O3 PO4 M . 16.52 18.64 -36.27
O4 PO4 M . 17.37 20.83 -35.52
C1 GOL N . -20.38 4.73 -10.85
O1 GOL N . -20.33 5.79 -9.95
C2 GOL N . -21.04 3.54 -10.12
O2 GOL N . -22.27 3.89 -9.57
C3 GOL N . -21.17 2.43 -11.19
O3 GOL N . -21.83 1.36 -10.58
C1 GOL O . 0.23 13.65 -37.13
O1 GOL O . 0.45 14.96 -36.74
C2 GOL O . 0.08 12.82 -35.84
O2 GOL O . -1.09 13.14 -35.15
C3 GOL O . 0.09 11.34 -36.31
O3 GOL O . -1.06 11.16 -37.08
P PO4 P . -16.27 17.42 -17.86
O1 PO4 P . -17.58 17.52 -17.13
O2 PO4 P . -15.23 18.24 -17.15
O3 PO4 P . -15.83 15.98 -17.92
O4 PO4 P . -16.45 17.95 -19.27
#